data_7AQ3
#
_entry.id   7AQ3
#
_cell.length_a   69.664
_cell.length_b   76.608
_cell.length_c   109.087
_cell.angle_alpha   90.000
_cell.angle_beta   93.260
_cell.angle_gamma   90.000
#
_symmetry.space_group_name_H-M   'P 1 21 1'
#
loop_
_entity.id
_entity.type
_entity.pdbx_description
1 polymer 'Nitrous-oxide reductase'
2 non-polymer TRYPTOPHAN
3 non-polymer 2-[3-(2-HYDROXY-1,1-DIHYDROXYMETHYL-ETHYLAMINO)-PROPYLAMINO]-2-HYDROXYMETHYL-PROPANE-1,3-DIOL
4 non-polymer 'SODIUM ION'
5 non-polymer 'FORMIC ACID'
6 non-polymer 'CHLORIDE ION'
7 non-polymer 'DINUCLEAR COPPER ION'
8 non-polymer 'ZINC ION'
9 non-polymer 2-AMINO-2-HYDROXYMETHYL-PROPANE-1,3-DIOL
10 non-polymer 'CALCIUM ION'
11 non-polymer 'POTASSIUM ION'
12 non-polymer '(MU-4-SULFIDO)-TETRA-NUCLEAR COPPER ION'
13 water water
#
_entity_poly.entity_id   1
_entity_poly.type   'polypeptide(L)'
_entity_poly.pdbx_seq_one_letter_code
;MSDKDSKNTPQVPEKLGLSRRGFLGASAVTGAAVAATALGGAVMTRESWAQAVKESKQKIHVGPGELDDYYGFWSGGHQG
EVRVLGVPSMRELMRIPVFNVDSATGWGLTNESRHIMGDSAKFLNGDCHHPHISMTDGKYDGKYLFINDKANSRVARIRL
DIMKCDKMITVPNVQAIHGLRLQKVPHTKYVFANAEFIIPHPNDGKVFDLQDENSYTMYNAIDAETMEMAFQVIVDGNLD
NTDADYTGRFAAATCYNSEKAFDLGGMMRNERDWVVVFDIHAVEAAVKAGDFITLGDSKTPVLDGRKKDGKDSKFTRYVP
VPKNPHGCNTSSDGKYFIAAGKLSPTCSMIAIDKLPDLFAGKLADPRDVIVGEPELGLGPLHTTFDGRGNAYTTLFIDSQ
VVKWNMEEAVRAYKGEKVNYIKQKLDVHYQPGHLHASLCETNEADGKWLVALSKFSKDRFLPVGPLHPENDQLIDISGDE
MKLVHDGPTFAEPHDCIMARRDQIKTKKIWDRNDPFFAPTVEMAKKDGINLDTDNKVIRDGNKVRVYMTSMAPAFGVQEF
TVKQGDEVTVTITNIDQIEDVSDGFVVVNHGVSMEISPQQTSSITFVADKPGLHWYYCSWFCHALHMEMVGRMMVEPAWS
HPQFEK
;
_entity_poly.pdbx_strand_id   A,B
#
loop_
_chem_comp.id
_chem_comp.type
_chem_comp.name
_chem_comp.formula
B3P non-polymer 2-[3-(2-HYDROXY-1,1-DIHYDROXYMETHYL-ETHYLAMINO)-PROPYLAMINO]-2-HYDROXYMETHYL-PROPANE-1,3-DIOL 'C11 H26 N2 O6'
CA non-polymer 'CALCIUM ION' 'Ca 2'
CL non-polymer 'CHLORIDE ION' 'Cl -1'
CUA non-polymer 'DINUCLEAR COPPER ION' Cu2
CUZ non-polymer '(MU-4-SULFIDO)-TETRA-NUCLEAR COPPER ION' 'Cu4 S'
FMT non-polymer 'FORMIC ACID' 'C H2 O2'
K non-polymer 'POTASSIUM ION' 'K 1'
NA non-polymer 'SODIUM ION' 'Na 1'
TRS non-polymer 2-AMINO-2-HYDROXYMETHYL-PROPANE-1,3-DIOL 'C4 H12 N O3 1'
ZN non-polymer 'ZINC ION' 'Zn 2'
#
# COMPACT_ATOMS: atom_id res chain seq x y z
N LYS A 59 29.50 -5.97 2.88
CA LYS A 59 28.90 -5.79 4.21
C LYS A 59 27.40 -5.43 4.11
N ILE A 60 26.52 -6.38 4.44
CA ILE A 60 25.11 -6.27 4.10
C ILE A 60 24.19 -6.18 5.30
N HIS A 61 24.67 -6.47 6.51
CA HIS A 61 23.82 -6.50 7.71
C HIS A 61 23.76 -5.11 8.34
N VAL A 62 22.58 -4.52 8.39
CA VAL A 62 22.35 -3.27 9.11
C VAL A 62 21.61 -3.62 10.40
N GLY A 63 22.33 -3.71 11.51
CA GLY A 63 21.74 -4.18 12.74
C GLY A 63 21.00 -3.07 13.47
N PRO A 64 20.39 -3.44 14.60
CA PRO A 64 19.60 -2.48 15.37
C PRO A 64 20.45 -1.28 15.80
N GLY A 65 19.97 -0.09 15.50
CA GLY A 65 20.70 1.13 15.77
C GLY A 65 21.64 1.58 14.67
N GLU A 66 22.03 0.70 13.74
CA GLU A 66 22.83 1.08 12.58
C GLU A 66 21.93 1.57 11.46
N LEU A 67 22.48 2.41 10.58
CA LEU A 67 21.73 3.03 9.49
C LEU A 67 22.22 2.54 8.13
N ASP A 68 21.29 2.49 7.16
CA ASP A 68 21.64 2.22 5.78
C ASP A 68 22.59 3.31 5.23
N ASP A 69 23.34 2.96 4.17
CA ASP A 69 24.25 3.88 3.48
C ASP A 69 23.63 4.61 2.30
N TYR A 70 22.60 4.02 1.67
CA TYR A 70 21.92 4.60 0.53
C TYR A 70 20.42 4.58 0.74
N TYR A 71 19.74 5.53 0.08
CA TYR A 71 18.30 5.49 -0.16
C TYR A 71 18.06 4.71 -1.44
N GLY A 72 17.02 3.90 -1.44
CA GLY A 72 16.50 3.31 -2.65
C GLY A 72 15.10 3.83 -2.88
N PHE A 73 14.80 4.22 -4.12
CA PHE A 73 13.44 4.65 -4.50
C PHE A 73 12.91 3.63 -5.50
N TRP A 74 11.94 2.85 -5.06
CA TRP A 74 11.35 1.79 -5.84
C TRP A 74 10.07 2.32 -6.46
N SER A 75 9.90 2.01 -7.74
CA SER A 75 8.57 2.17 -8.36
C SER A 75 7.57 1.25 -7.65
N GLY A 76 6.33 1.72 -7.51
CA GLY A 76 5.30 0.86 -6.93
C GLY A 76 4.61 -0.05 -7.92
N GLY A 77 5.06 -0.07 -9.17
CA GLY A 77 4.48 -0.95 -10.18
C GLY A 77 3.00 -0.67 -10.38
N HIS A 78 2.23 -1.76 -10.54
CA HIS A 78 0.80 -1.65 -10.79
C HIS A 78 0.03 -1.14 -9.57
N GLN A 79 0.70 -1.01 -8.40
CA GLN A 79 0.05 -0.50 -7.21
C GLN A 79 0.02 1.02 -7.17
N GLY A 80 0.93 1.69 -7.88
CA GLY A 80 0.79 3.13 -8.10
C GLY A 80 1.54 4.07 -7.18
N GLU A 81 2.22 3.58 -6.14
CA GLU A 81 2.94 4.44 -5.19
C GLU A 81 4.43 4.47 -5.55
N VAL A 82 5.21 5.18 -4.73
CA VAL A 82 6.68 5.12 -4.76
C VAL A 82 7.09 4.68 -3.37
N ARG A 83 8.11 3.84 -3.26
CA ARG A 83 8.54 3.33 -1.97
C ARG A 83 9.99 3.73 -1.73
N VAL A 84 10.28 4.12 -0.51
CA VAL A 84 11.63 4.47 -0.07
C VAL A 84 12.18 3.30 0.72
N LEU A 85 13.31 2.75 0.25
CA LEU A 85 14.01 1.67 0.92
C LEU A 85 15.35 2.16 1.46
N GLY A 86 15.82 1.50 2.52
CA GLY A 86 17.21 1.62 2.94
C GLY A 86 18.04 0.56 2.25
N VAL A 87 19.22 0.94 1.79
CA VAL A 87 20.15 0.04 1.12
C VAL A 87 21.46 0.06 1.89
N PRO A 88 22.07 -1.08 2.24
CA PRO A 88 21.82 -2.45 1.75
C PRO A 88 20.82 -3.33 2.53
N SER A 89 20.16 -2.83 3.58
CA SER A 89 19.24 -3.70 4.31
C SER A 89 18.04 -4.13 3.48
N MET A 90 17.69 -3.33 2.46
CA MET A 90 16.54 -3.52 1.57
C MET A 90 15.21 -3.46 2.33
N ARG A 91 15.19 -2.78 3.48
CA ARG A 91 13.95 -2.59 4.23
C ARG A 91 13.17 -1.38 3.71
N GLU A 92 11.85 -1.48 3.69
CA GLU A 92 11.02 -0.35 3.26
C GLU A 92 10.84 0.65 4.40
N LEU A 93 11.39 1.87 4.23
CA LEU A 93 11.26 2.94 5.21
C LEU A 93 9.97 3.76 5.09
N MET A 94 9.45 3.97 3.88
CA MET A 94 8.28 4.84 3.72
C MET A 94 7.58 4.46 2.43
N ARG A 95 6.28 4.73 2.38
CA ARG A 95 5.51 4.67 1.13
C ARG A 95 5.05 6.08 0.81
N ILE A 96 5.28 6.50 -0.44
CA ILE A 96 4.85 7.80 -0.93
C ILE A 96 3.68 7.58 -1.89
N PRO A 97 2.46 7.96 -1.54
CA PRO A 97 1.32 7.74 -2.46
C PRO A 97 1.43 8.69 -3.65
N VAL A 98 1.06 8.19 -4.84
CA VAL A 98 1.16 9.01 -6.03
C VAL A 98 -0.12 8.87 -6.87
N PHE A 99 -0.29 7.72 -7.51
CA PHE A 99 -1.48 7.45 -8.30
C PHE A 99 -2.50 6.59 -7.56
N ASN A 100 -2.09 5.97 -6.46
CA ASN A 100 -2.98 5.21 -5.59
C ASN A 100 -3.72 6.14 -4.64
N VAL A 101 -4.85 5.66 -4.11
CA VAL A 101 -5.51 6.32 -2.98
C VAL A 101 -5.02 5.68 -1.68
N ASP A 102 -4.42 6.48 -0.80
CA ASP A 102 -3.83 5.97 0.44
C ASP A 102 -4.76 6.33 1.61
N SER A 103 -5.40 5.29 2.14
CA SER A 103 -6.19 5.40 3.36
C SER A 103 -5.41 6.04 4.51
N ALA A 104 -4.12 5.73 4.64
CA ALA A 104 -3.40 6.19 5.85
C ALA A 104 -3.24 7.72 5.87
N THR A 105 -2.59 8.27 4.85
CA THR A 105 -2.34 9.71 4.81
C THR A 105 -3.52 10.49 4.23
N GLY A 106 -4.49 9.81 3.63
CA GLY A 106 -5.55 10.53 2.94
C GLY A 106 -5.24 11.02 1.53
N TRP A 107 -4.08 10.67 0.96
CA TRP A 107 -3.79 11.02 -0.42
C TRP A 107 -4.85 10.45 -1.35
N GLY A 108 -5.50 11.33 -2.13
CA GLY A 108 -6.66 11.01 -2.96
C GLY A 108 -7.99 11.35 -2.34
N LEU A 109 -8.03 11.57 -1.02
CA LEU A 109 -9.21 12.02 -0.27
C LEU A 109 -9.10 13.48 0.16
N THR A 110 -7.92 13.95 0.58
CA THR A 110 -7.76 15.31 1.07
C THR A 110 -7.91 16.33 -0.06
N ASN A 111 -8.23 17.56 0.34
CA ASN A 111 -8.27 18.64 -0.66
C ASN A 111 -6.89 18.97 -1.20
N GLU A 112 -5.82 18.85 -0.40
CA GLU A 112 -4.49 19.18 -0.91
C GLU A 112 -4.04 18.18 -1.98
N SER A 113 -4.31 16.88 -1.76
CA SER A 113 -3.89 15.89 -2.73
C SER A 113 -4.75 15.97 -3.99
N ARG A 114 -6.06 16.19 -3.83
CA ARG A 114 -6.90 16.19 -5.02
C ARG A 114 -6.61 17.43 -5.87
N HIS A 115 -6.21 18.53 -5.23
CA HIS A 115 -5.76 19.72 -5.97
C HIS A 115 -4.56 19.41 -6.84
N ILE A 116 -3.56 18.71 -6.29
CA ILE A 116 -2.37 18.35 -7.05
C ILE A 116 -2.73 17.41 -8.19
N MET A 117 -3.56 16.40 -7.91
CA MET A 117 -4.00 15.45 -8.94
C MET A 117 -4.91 16.10 -10.01
N GLY A 118 -5.57 17.20 -9.68
CA GLY A 118 -6.44 17.81 -10.69
C GLY A 118 -7.61 16.89 -11.05
N ASP A 119 -8.03 16.95 -12.32
CA ASP A 119 -9.16 16.14 -12.74
CA ASP A 119 -9.17 16.14 -12.72
C ASP A 119 -8.88 14.65 -12.61
N SER A 120 -7.60 14.25 -12.73
CA SER A 120 -7.20 12.85 -12.62
C SER A 120 -7.38 12.27 -11.21
N ALA A 121 -7.73 13.11 -10.23
CA ALA A 121 -8.18 12.63 -8.93
C ALA A 121 -9.35 11.64 -9.03
N LYS A 122 -10.11 11.66 -10.14
CA LYS A 122 -11.18 10.68 -10.33
C LYS A 122 -10.68 9.24 -10.51
N PHE A 123 -9.41 9.05 -10.91
CA PHE A 123 -8.84 7.72 -11.07
C PHE A 123 -8.27 7.24 -9.74
N LEU A 124 -8.51 5.97 -9.44
CA LEU A 124 -8.02 5.32 -8.23
C LEU A 124 -6.81 4.43 -8.49
N ASN A 125 -6.24 4.45 -9.69
CA ASN A 125 -5.18 3.52 -10.08
C ASN A 125 -4.05 4.24 -10.83
N GLY A 126 -2.93 3.53 -10.91
CA GLY A 126 -1.78 3.98 -11.69
C GLY A 126 -0.96 2.75 -12.01
N ASP A 127 -0.02 2.93 -12.91
CA ASP A 127 0.85 1.82 -13.31
C ASP A 127 2.24 2.44 -13.50
N CYS A 128 3.10 2.29 -12.49
CA CYS A 128 4.41 2.93 -12.40
C CYS A 128 5.51 1.99 -12.82
N HIS A 129 6.59 2.56 -13.40
CA HIS A 129 7.72 1.76 -13.86
C HIS A 129 9.10 2.35 -13.59
N HIS A 130 9.26 3.64 -13.85
CA HIS A 130 10.58 4.24 -14.12
C HIS A 130 10.84 5.44 -13.23
N PRO A 131 11.41 5.23 -12.04
CA PRO A 131 11.68 6.38 -11.15
C PRO A 131 13.07 6.96 -11.39
N HIS A 132 13.16 8.30 -11.42
CA HIS A 132 14.43 8.97 -11.67
C HIS A 132 14.52 10.24 -10.84
N ILE A 133 15.76 10.58 -10.45
CA ILE A 133 16.05 11.69 -9.55
C ILE A 133 16.76 12.81 -10.31
N SER A 134 16.35 14.04 -10.03
CA SER A 134 16.86 15.20 -10.75
C SER A 134 18.37 15.39 -10.53
N MET A 135 18.98 16.02 -11.52
CA MET A 135 20.44 16.13 -11.58
C MET A 135 20.83 17.57 -11.88
N THR A 136 22.01 17.95 -11.36
CA THR A 136 22.69 19.20 -11.67
C THR A 136 24.14 18.83 -12.00
N ASP A 137 24.57 19.20 -13.20
CA ASP A 137 25.91 18.87 -13.71
CA ASP A 137 25.92 18.88 -13.68
C ASP A 137 26.16 17.37 -13.72
N GLY A 138 25.14 16.61 -14.10
CA GLY A 138 25.31 15.17 -14.20
C GLY A 138 25.47 14.42 -12.89
N LYS A 139 25.07 15.03 -11.77
CA LYS A 139 25.10 14.42 -10.45
C LYS A 139 23.73 14.63 -9.81
N TYR A 140 23.23 13.65 -9.03
CA TYR A 140 21.95 13.82 -8.34
C TYR A 140 21.99 15.03 -7.42
N ASP A 141 20.96 15.88 -7.48
CA ASP A 141 20.94 17.06 -6.62
C ASP A 141 19.95 16.93 -5.48
N GLY A 142 19.22 15.81 -5.38
CA GLY A 142 18.32 15.58 -4.26
C GLY A 142 17.04 16.40 -4.23
N LYS A 143 16.72 17.10 -5.30
CA LYS A 143 15.54 17.96 -5.29
C LYS A 143 14.26 17.18 -5.54
N TYR A 144 14.19 16.45 -6.66
CA TYR A 144 12.95 15.83 -7.12
C TYR A 144 13.16 14.39 -7.54
N LEU A 145 12.08 13.61 -7.42
CA LEU A 145 11.94 12.33 -8.12
C LEU A 145 10.75 12.44 -9.07
N PHE A 146 10.92 11.92 -10.28
CA PHE A 146 9.84 11.81 -11.25
C PHE A 146 9.49 10.36 -11.55
N ILE A 147 8.22 10.11 -11.88
CA ILE A 147 7.76 8.76 -12.20
C ILE A 147 6.60 8.84 -13.19
N ASN A 148 6.46 7.79 -13.99
CA ASN A 148 5.43 7.65 -15.03
C ASN A 148 4.19 6.98 -14.47
N ASP A 149 3.08 7.18 -15.19
CA ASP A 149 1.87 6.39 -15.03
C ASP A 149 1.46 5.91 -16.41
N LYS A 150 1.67 4.63 -16.68
CA LYS A 150 1.23 4.07 -17.96
C LYS A 150 -0.29 3.94 -18.05
N ALA A 151 -0.98 3.80 -16.90
CA ALA A 151 -2.41 3.49 -16.94
C ALA A 151 -3.23 4.72 -17.33
N ASN A 152 -2.97 5.89 -16.73
CA ASN A 152 -3.76 7.08 -17.08
C ASN A 152 -2.89 8.23 -17.60
N SER A 153 -1.75 7.89 -18.20
CA SER A 153 -0.97 8.80 -19.06
C SER A 153 -0.47 10.03 -18.30
N ARG A 154 0.19 9.81 -17.15
CA ARG A 154 0.61 10.91 -16.31
C ARG A 154 2.11 10.86 -16.02
N VAL A 155 2.64 12.03 -15.62
CA VAL A 155 3.94 12.13 -14.97
C VAL A 155 3.73 12.83 -13.63
N ALA A 156 4.35 12.29 -12.59
CA ALA A 156 4.26 12.90 -11.27
C ALA A 156 5.64 13.31 -10.80
N ARG A 157 5.66 14.35 -9.99
CA ARG A 157 6.88 14.84 -9.36
C ARG A 157 6.77 14.64 -7.86
N ILE A 158 7.82 14.11 -7.25
CA ILE A 158 7.92 13.96 -5.81
C ILE A 158 9.00 14.90 -5.29
N ARG A 159 8.70 15.65 -4.24
CA ARG A 159 9.68 16.52 -3.58
C ARG A 159 10.43 15.71 -2.53
N LEU A 160 11.75 15.55 -2.72
CA LEU A 160 12.50 14.68 -1.84
C LEU A 160 12.74 15.27 -0.46
N ASP A 161 12.44 16.56 -0.23
CA ASP A 161 12.60 17.11 1.11
C ASP A 161 11.42 16.76 2.00
N ILE A 162 10.23 16.61 1.43
CA ILE A 162 9.06 16.21 2.23
C ILE A 162 8.60 14.79 1.93
N MET A 163 9.19 14.12 0.93
CA MET A 163 8.77 12.78 0.48
C MET A 163 7.26 12.70 0.23
N LYS A 164 6.76 13.65 -0.57
CA LYS A 164 5.38 13.67 -1.04
C LYS A 164 5.37 14.02 -2.52
N CYS A 165 4.40 13.49 -3.25
CA CYS A 165 4.10 13.99 -4.58
C CYS A 165 3.55 15.43 -4.48
N ASP A 166 4.19 16.36 -5.16
CA ASP A 166 3.77 17.75 -5.09
C ASP A 166 3.23 18.30 -6.40
N LYS A 167 3.45 17.61 -7.52
CA LYS A 167 2.89 18.06 -8.80
C LYS A 167 2.57 16.83 -9.63
N MET A 168 1.60 16.98 -10.53
CA MET A 168 1.19 15.90 -11.40
C MET A 168 0.62 16.48 -12.69
N ILE A 169 0.93 15.83 -13.82
CA ILE A 169 0.41 16.30 -15.11
C ILE A 169 -0.13 15.12 -15.89
N THR A 170 -1.28 15.31 -16.53
CA THR A 170 -1.75 14.41 -17.58
C THR A 170 -1.20 14.88 -18.92
N VAL A 171 -0.42 14.04 -19.59
CA VAL A 171 0.25 14.44 -20.83
C VAL A 171 -0.80 14.50 -21.93
N PRO A 172 -0.95 15.64 -22.61
CA PRO A 172 -2.08 15.83 -23.54
C PRO A 172 -1.89 15.02 -24.82
N ASN A 173 -3.02 14.58 -25.40
CA ASN A 173 -3.04 14.01 -26.77
C ASN A 173 -2.16 12.77 -26.95
N VAL A 174 -2.01 11.92 -25.91
CA VAL A 174 -1.23 10.68 -26.00
C VAL A 174 -1.94 9.60 -25.18
N GLN A 175 -1.50 8.35 -25.32
CA GLN A 175 -1.96 7.28 -24.44
C GLN A 175 -0.78 6.47 -23.95
N ALA A 176 -0.65 6.39 -22.61
CA ALA A 176 0.22 5.50 -21.85
C ALA A 176 1.64 6.04 -21.79
N ILE A 177 1.99 6.72 -20.70
CA ILE A 177 3.36 7.17 -20.46
C ILE A 177 4.14 6.02 -19.85
N HIS A 178 5.16 5.56 -20.55
CA HIS A 178 5.92 4.41 -20.08
C HIS A 178 7.37 4.81 -19.84
N GLY A 179 8.21 4.73 -20.87
CA GLY A 179 9.60 5.12 -20.70
C GLY A 179 9.71 6.56 -20.21
N LEU A 180 10.70 6.81 -19.35
CA LEU A 180 10.88 8.13 -18.73
C LEU A 180 12.31 8.26 -18.22
N ARG A 181 12.97 9.37 -18.53
CA ARG A 181 14.27 9.69 -17.94
C ARG A 181 14.49 11.19 -18.01
N LEU A 182 15.53 11.64 -17.31
CA LEU A 182 15.74 13.06 -17.07
C LEU A 182 16.94 13.58 -17.85
N GLN A 183 16.83 14.80 -18.33
CA GLN A 183 18.02 15.56 -18.72
C GLN A 183 19.05 15.57 -17.59
N LYS A 184 20.34 15.44 -17.95
CA LYS A 184 21.43 15.37 -16.98
C LYS A 184 22.20 16.68 -16.82
N VAL A 185 22.38 17.43 -17.90
CA VAL A 185 23.35 18.51 -18.02
C VAL A 185 22.69 19.59 -18.86
N PRO A 186 22.79 20.87 -18.49
CA PRO A 186 23.47 21.33 -17.27
C PRO A 186 22.70 21.02 -15.98
N HIS A 187 21.41 20.71 -16.11
CA HIS A 187 20.60 20.19 -15.00
C HIS A 187 19.35 19.56 -15.60
N THR A 188 18.47 19.07 -14.73
CA THR A 188 17.20 18.49 -15.20
C THR A 188 16.23 19.63 -15.51
N LYS A 189 16.42 20.22 -16.69
CA LYS A 189 15.44 21.19 -17.18
C LYS A 189 14.20 20.48 -17.69
N TYR A 190 14.40 19.40 -18.43
CA TYR A 190 13.30 18.61 -18.95
C TYR A 190 13.20 17.21 -18.35
N VAL A 191 11.97 16.77 -18.18
CA VAL A 191 11.62 15.37 -18.03
C VAL A 191 11.22 14.83 -19.40
N PHE A 192 11.89 13.76 -19.85
CA PHE A 192 11.55 13.14 -21.15
C PHE A 192 10.71 11.91 -20.92
N ALA A 193 9.58 11.82 -21.64
CA ALA A 193 8.61 10.76 -21.39
C ALA A 193 8.07 10.20 -22.71
N ASN A 194 8.10 8.89 -22.82
CA ASN A 194 7.63 8.17 -23.99
C ASN A 194 6.14 7.91 -23.85
N ALA A 195 5.33 8.27 -24.87
CA ALA A 195 3.98 7.71 -24.94
C ALA A 195 4.02 6.47 -25.83
N GLU A 196 3.53 5.35 -25.29
CA GLU A 196 3.80 4.08 -25.94
C GLU A 196 2.91 3.78 -27.15
N PHE A 197 1.63 4.15 -27.13
CA PHE A 197 0.65 3.61 -28.08
C PHE A 197 0.28 4.61 -29.18
N ILE A 198 0.26 4.12 -30.42
CA ILE A 198 -0.13 4.97 -31.55
C ILE A 198 -1.65 5.20 -31.52
N ILE A 199 -2.07 6.46 -31.68
CA ILE A 199 -3.50 6.80 -31.67
C ILE A 199 -3.81 7.78 -32.81
N PRO A 200 -5.08 7.87 -33.20
CA PRO A 200 -5.48 8.87 -34.21
C PRO A 200 -5.43 10.28 -33.66
N HIS A 201 -5.19 11.23 -34.56
CA HIS A 201 -5.12 12.66 -34.23
C HIS A 201 -5.96 13.46 -35.22
N PRO A 202 -7.13 13.98 -34.82
CA PRO A 202 -7.74 13.83 -33.50
C PRO A 202 -8.28 12.42 -33.25
N ASN A 203 -8.49 12.09 -31.98
CA ASN A 203 -9.04 10.79 -31.58
C ASN A 203 -10.52 10.96 -31.25
N ASP A 204 -11.29 11.39 -32.23
CA ASP A 204 -12.67 11.80 -31.99
C ASP A 204 -13.68 10.78 -32.50
N GLY A 205 -13.21 9.59 -32.90
CA GLY A 205 -14.11 8.52 -33.30
C GLY A 205 -14.46 8.49 -34.77
N LYS A 206 -13.96 9.44 -35.58
CA LYS A 206 -14.15 9.36 -37.02
C LYS A 206 -13.17 8.36 -37.64
N VAL A 207 -11.91 8.38 -37.23
CA VAL A 207 -10.87 7.53 -37.82
C VAL A 207 -10.34 6.62 -36.74
N PHE A 208 -10.40 5.31 -36.97
CA PHE A 208 -9.80 4.33 -36.08
C PHE A 208 -8.54 3.71 -36.65
N ASP A 209 -8.19 4.04 -37.89
CA ASP A 209 -7.12 3.37 -38.64
C ASP A 209 -5.74 3.78 -38.12
N LEU A 210 -4.98 2.82 -37.58
CA LEU A 210 -3.67 3.13 -37.03
C LEU A 210 -2.59 3.33 -38.09
N GLN A 211 -2.87 3.04 -39.36
CA GLN A 211 -1.93 3.39 -40.41
C GLN A 211 -2.28 4.73 -41.08
N ASP A 212 -3.32 5.42 -40.61
CA ASP A 212 -3.67 6.73 -41.16
C ASP A 212 -2.48 7.68 -41.02
N GLU A 213 -2.38 8.63 -41.95
CA GLU A 213 -1.28 9.58 -41.83
C GLU A 213 -1.33 10.37 -40.51
N ASN A 214 -2.49 10.52 -39.88
CA ASN A 214 -2.54 11.27 -38.64
C ASN A 214 -2.59 10.38 -37.40
N SER A 215 -2.22 9.11 -37.53
CA SER A 215 -2.13 8.21 -36.40
C SER A 215 -0.65 8.03 -36.05
N TYR A 216 -0.29 8.35 -34.82
CA TYR A 216 1.11 8.32 -34.39
C TYR A 216 1.14 8.44 -32.88
N THR A 217 2.34 8.30 -32.33
CA THR A 217 2.59 8.68 -30.95
C THR A 217 3.70 9.72 -30.94
N MET A 218 4.02 10.21 -29.73
CA MET A 218 4.88 11.38 -29.58
C MET A 218 5.85 11.17 -28.41
N TYR A 219 7.01 11.77 -28.55
CA TYR A 219 8.00 11.94 -27.49
C TYR A 219 7.65 13.21 -26.74
N ASN A 220 7.73 13.18 -25.41
CA ASN A 220 7.19 14.27 -24.60
C ASN A 220 8.26 14.91 -23.74
N ALA A 221 8.28 16.23 -23.69
CA ALA A 221 9.19 16.94 -22.79
C ALA A 221 8.36 17.80 -21.85
N ILE A 222 8.56 17.58 -20.55
CA ILE A 222 7.89 18.33 -19.50
C ILE A 222 8.94 19.22 -18.83
N ASP A 223 8.59 20.48 -18.60
CA ASP A 223 9.41 21.36 -17.80
C ASP A 223 9.46 20.83 -16.37
N ALA A 224 10.64 20.38 -15.93
CA ALA A 224 10.78 19.76 -14.61
C ALA A 224 10.35 20.68 -13.47
N GLU A 225 10.58 21.99 -13.61
CA GLU A 225 10.38 22.90 -12.51
C GLU A 225 8.94 23.40 -12.42
N THR A 226 8.31 23.70 -13.56
CA THR A 226 6.92 24.13 -13.55
C THR A 226 5.93 22.98 -13.67
N MET A 227 6.38 21.81 -14.13
CA MET A 227 5.52 20.64 -14.41
C MET A 227 4.39 21.00 -15.38
N GLU A 228 4.71 21.87 -16.33
CA GLU A 228 3.93 22.11 -17.54
C GLU A 228 4.65 21.47 -18.70
N MET A 229 3.91 21.14 -19.76
CA MET A 229 4.51 20.62 -20.98
C MET A 229 5.46 21.65 -21.56
N ALA A 230 6.60 21.19 -22.06
CA ALA A 230 7.49 22.03 -22.86
C ALA A 230 7.28 21.85 -24.36
N PHE A 231 7.31 20.61 -24.84
CA PHE A 231 7.12 20.37 -26.26
C PHE A 231 6.87 18.87 -26.46
N GLN A 232 6.36 18.53 -27.64
CA GLN A 232 6.12 17.16 -28.05
C GLN A 232 6.68 16.99 -29.46
N VAL A 233 7.22 15.80 -29.72
CA VAL A 233 7.81 15.49 -31.02
C VAL A 233 7.16 14.24 -31.57
N ILE A 234 6.46 14.40 -32.72
CA ILE A 234 5.87 13.25 -33.41
C ILE A 234 7.01 12.37 -33.93
N VAL A 235 6.86 11.05 -33.80
CA VAL A 235 7.87 10.11 -34.27
C VAL A 235 7.22 9.03 -35.13
N ASP A 236 8.05 8.33 -35.90
CA ASP A 236 7.62 7.09 -36.52
C ASP A 236 7.73 5.94 -35.51
N GLY A 237 6.78 5.02 -35.56
CA GLY A 237 6.86 3.84 -34.71
C GLY A 237 6.34 4.04 -33.30
N ASN A 238 6.62 3.05 -32.45
CA ASN A 238 6.29 3.05 -31.02
C ASN A 238 7.55 3.34 -30.22
N LEU A 239 7.41 4.10 -29.13
CA LEU A 239 8.52 4.38 -28.23
C LEU A 239 8.55 3.38 -27.07
N ASP A 240 9.77 2.96 -26.69
CA ASP A 240 9.95 2.04 -25.58
C ASP A 240 10.62 2.75 -24.41
N ASN A 241 11.95 2.78 -24.34
CA ASN A 241 12.68 3.44 -23.26
C ASN A 241 13.48 4.62 -23.80
N THR A 242 13.97 5.47 -22.90
CA THR A 242 14.65 6.68 -23.33
C THR A 242 15.76 7.04 -22.34
N ASP A 243 16.79 7.73 -22.81
CA ASP A 243 17.78 8.33 -21.91
C ASP A 243 18.32 9.60 -22.58
N ALA A 244 19.16 10.32 -21.85
CA ALA A 244 19.70 11.60 -22.28
C ALA A 244 21.21 11.58 -22.17
N ASP A 245 21.88 12.51 -22.86
CA ASP A 245 23.34 12.54 -22.87
C ASP A 245 23.86 13.35 -21.68
N TYR A 246 25.17 13.68 -21.70
CA TYR A 246 25.76 14.53 -20.67
C TYR A 246 26.06 15.94 -21.20
N THR A 247 25.27 16.44 -22.16
CA THR A 247 25.46 17.84 -22.55
C THR A 247 24.16 18.63 -22.56
N GLY A 248 23.03 17.97 -22.77
CA GLY A 248 21.76 18.63 -22.93
C GLY A 248 21.34 18.74 -24.38
N ARG A 249 22.25 18.49 -25.32
CA ARG A 249 21.84 18.57 -26.71
C ARG A 249 21.02 17.36 -27.16
N PHE A 250 21.37 16.14 -26.73
CA PHE A 250 20.77 14.94 -27.29
C PHE A 250 20.01 14.10 -26.26
N ALA A 251 19.00 13.43 -26.79
CA ALA A 251 18.25 12.40 -26.07
C ALA A 251 17.96 11.31 -27.09
N ALA A 252 17.63 10.12 -26.59
CA ALA A 252 17.40 8.99 -27.48
C ALA A 252 16.35 8.07 -26.89
N ALA A 253 15.67 7.34 -27.78
CA ALA A 253 14.67 6.36 -27.37
C ALA A 253 14.70 5.17 -28.30
N THR A 254 14.51 3.98 -27.72
CA THR A 254 14.31 2.80 -28.54
C THR A 254 12.89 2.84 -29.09
N CYS A 255 12.73 2.30 -30.30
CA CYS A 255 11.42 2.21 -30.97
C CYS A 255 11.18 0.79 -31.47
N TYR A 256 9.93 0.31 -31.37
CA TYR A 256 9.66 -1.08 -31.67
C TYR A 256 8.57 -1.33 -32.71
N ASN A 257 8.10 -0.30 -33.44
CA ASN A 257 7.29 -0.65 -34.61
C ASN A 257 7.88 -0.09 -35.89
N SER A 258 7.08 -0.06 -36.95
CA SER A 258 7.60 0.44 -38.22
C SER A 258 6.64 1.47 -38.82
N GLU A 271 13.24 -7.02 -39.24
CA GLU A 271 14.66 -7.29 -39.04
C GLU A 271 15.27 -6.26 -38.07
N ARG A 272 15.07 -4.98 -38.37
CA ARG A 272 15.69 -3.90 -37.63
C ARG A 272 14.67 -2.82 -37.30
N ASP A 273 14.62 -2.44 -36.02
CA ASP A 273 13.87 -1.25 -35.64
C ASP A 273 14.87 -0.10 -35.50
N TRP A 274 14.72 0.76 -34.49
CA TRP A 274 15.69 1.83 -34.40
C TRP A 274 15.78 2.35 -32.97
N VAL A 275 16.84 3.10 -32.69
CA VAL A 275 16.75 4.13 -31.67
C VAL A 275 16.67 5.48 -32.38
N VAL A 276 15.66 6.25 -32.05
CA VAL A 276 15.50 7.60 -32.57
C VAL A 276 16.29 8.53 -31.66
N VAL A 277 17.09 9.40 -32.26
CA VAL A 277 17.87 10.37 -31.52
C VAL A 277 17.24 11.74 -31.75
N PHE A 278 17.08 12.50 -30.68
CA PHE A 278 16.49 13.83 -30.74
C PHE A 278 17.58 14.88 -30.58
N ASP A 279 17.58 15.88 -31.45
CA ASP A 279 18.41 17.07 -31.31
C ASP A 279 17.55 18.09 -30.57
N ILE A 280 17.66 18.07 -29.23
CA ILE A 280 16.85 18.93 -28.39
C ILE A 280 17.17 20.41 -28.68
N HIS A 281 18.43 20.72 -28.97
CA HIS A 281 18.77 22.09 -29.34
C HIS A 281 17.98 22.52 -30.56
N ALA A 282 17.88 21.64 -31.56
CA ALA A 282 17.12 22.00 -32.75
C ALA A 282 15.62 22.13 -32.45
N VAL A 283 15.09 21.27 -31.57
CA VAL A 283 13.70 21.41 -31.15
C VAL A 283 13.47 22.75 -30.45
N GLU A 284 14.36 23.09 -29.52
CA GLU A 284 14.23 24.35 -28.79
C GLU A 284 14.30 25.57 -29.72
N ALA A 285 15.17 25.52 -30.73
CA ALA A 285 15.25 26.66 -31.64
C ALA A 285 13.96 26.82 -32.43
N ALA A 286 13.35 25.70 -32.84
CA ALA A 286 12.09 25.75 -33.57
C ALA A 286 10.97 26.32 -32.69
N VAL A 287 10.89 25.89 -31.44
CA VAL A 287 9.88 26.45 -30.53
C VAL A 287 10.07 27.95 -30.40
N LYS A 288 11.32 28.40 -30.24
CA LYS A 288 11.55 29.81 -29.98
C LYS A 288 11.25 30.66 -31.22
N ALA A 289 11.34 30.09 -32.42
CA ALA A 289 10.97 30.79 -33.65
C ALA A 289 9.49 30.65 -34.00
N GLY A 290 8.72 29.96 -33.18
CA GLY A 290 7.32 29.76 -33.42
C GLY A 290 7.00 28.76 -34.50
N ASP A 291 7.98 27.96 -34.95
CA ASP A 291 7.75 27.00 -36.02
C ASP A 291 7.23 25.68 -35.44
N PHE A 292 5.96 25.71 -35.03
CA PHE A 292 5.34 24.51 -34.49
C PHE A 292 3.84 24.58 -34.75
N ILE A 293 3.16 23.45 -34.55
CA ILE A 293 1.71 23.41 -34.52
C ILE A 293 1.24 23.07 -33.11
N THR A 294 -0.06 23.20 -32.87
CA THR A 294 -0.65 22.65 -31.67
C THR A 294 -1.75 21.67 -32.05
N LEU A 295 -2.05 20.75 -31.12
CA LEU A 295 -3.01 19.67 -31.31
C LEU A 295 -4.18 19.89 -30.37
N GLY A 296 -5.40 19.88 -30.91
CA GLY A 296 -6.59 19.94 -30.08
C GLY A 296 -6.63 21.20 -29.25
N ASP A 297 -7.02 21.06 -27.98
CA ASP A 297 -7.09 22.24 -27.11
C ASP A 297 -5.87 22.38 -26.20
N SER A 298 -4.76 21.71 -26.50
CA SER A 298 -3.53 21.89 -25.75
C SER A 298 -2.64 22.93 -26.43
N LYS A 299 -2.07 23.81 -25.63
CA LYS A 299 -1.14 24.80 -26.18
C LYS A 299 0.28 24.27 -26.37
N THR A 300 0.51 22.99 -26.09
CA THR A 300 1.86 22.41 -26.22
C THR A 300 2.40 22.55 -27.64
N PRO A 301 3.57 23.17 -27.82
CA PRO A 301 4.24 23.12 -29.13
C PRO A 301 4.49 21.68 -29.58
N VAL A 302 4.07 21.39 -30.81
CA VAL A 302 4.22 20.05 -31.40
C VAL A 302 5.10 20.14 -32.64
N LEU A 303 6.21 19.40 -32.62
CA LEU A 303 7.12 19.33 -33.75
C LEU A 303 7.00 17.98 -34.43
N ASP A 304 7.24 17.94 -35.75
CA ASP A 304 7.11 16.70 -36.51
C ASP A 304 8.49 16.09 -36.71
N GLY A 305 8.75 14.99 -36.01
CA GLY A 305 10.03 14.29 -36.09
C GLY A 305 9.96 13.04 -36.94
N ARG A 306 8.92 12.90 -37.75
CA ARG A 306 8.80 11.77 -38.66
C ARG A 306 9.66 11.97 -39.90
N LYS A 307 10.06 10.86 -40.52
CA LYS A 307 10.61 10.92 -41.87
C LYS A 307 9.50 11.24 -42.87
N LYS A 308 9.83 12.02 -43.90
CA LYS A 308 8.85 12.40 -44.91
C LYS A 308 9.44 12.12 -46.28
N ASP A 309 8.85 11.14 -47.00
CA ASP A 309 9.35 10.70 -48.31
C ASP A 309 10.84 10.42 -48.24
N GLY A 310 11.24 9.71 -47.19
CA GLY A 310 12.63 9.39 -46.94
C GLY A 310 13.48 10.55 -46.46
N LYS A 311 12.94 11.75 -46.33
CA LYS A 311 13.74 12.89 -45.91
C LYS A 311 13.64 13.05 -44.39
N ASP A 312 14.76 13.41 -43.78
CA ASP A 312 14.81 13.50 -42.34
C ASP A 312 14.23 14.82 -41.86
N SER A 313 13.60 14.75 -40.70
CA SER A 313 13.40 15.93 -39.88
C SER A 313 14.73 16.53 -39.45
N LYS A 314 14.71 17.83 -39.17
CA LYS A 314 15.80 18.46 -38.44
C LYS A 314 15.84 18.06 -36.95
N PHE A 315 14.77 17.48 -36.42
CA PHE A 315 14.72 17.16 -34.99
C PHE A 315 15.17 15.74 -34.67
N THR A 316 15.20 14.83 -35.63
CA THR A 316 15.40 13.41 -35.32
C THR A 316 16.30 12.75 -36.36
N ARG A 317 16.98 11.70 -35.91
CA ARG A 317 17.64 10.74 -36.79
C ARG A 317 17.28 9.35 -36.30
N TYR A 318 17.04 8.43 -37.23
CA TYR A 318 16.63 7.06 -36.90
C TYR A 318 17.82 6.12 -37.14
N VAL A 319 18.33 5.52 -36.08
CA VAL A 319 19.53 4.69 -36.16
C VAL A 319 19.08 3.22 -36.15
N PRO A 320 19.30 2.46 -37.22
CA PRO A 320 18.85 1.06 -37.25
C PRO A 320 19.58 0.21 -36.21
N VAL A 321 18.80 -0.54 -35.43
CA VAL A 321 19.28 -1.30 -34.28
C VAL A 321 18.43 -2.55 -34.11
N PRO A 322 19.02 -3.75 -34.11
CA PRO A 322 18.23 -4.97 -33.86
C PRO A 322 17.96 -5.20 -32.37
N LYS A 323 16.82 -5.82 -32.06
CA LYS A 323 15.69 -6.04 -32.97
C LYS A 323 14.52 -6.05 -32.02
N ASN A 324 13.53 -5.17 -32.23
CA ASN A 324 12.65 -4.76 -31.16
C ASN A 324 13.48 -4.34 -29.95
N PRO A 325 14.41 -3.40 -30.11
CA PRO A 325 15.28 -3.04 -28.99
C PRO A 325 14.50 -2.48 -27.82
N HIS A 326 15.04 -2.69 -26.62
CA HIS A 326 14.28 -2.41 -25.42
C HIS A 326 14.95 -1.34 -24.55
N GLY A 327 15.89 -1.73 -23.68
CA GLY A 327 16.53 -0.75 -22.83
C GLY A 327 17.29 0.30 -23.62
N CYS A 328 17.35 1.51 -23.08
CA CYS A 328 18.07 2.60 -23.72
C CYS A 328 18.81 3.33 -22.60
N ASN A 329 20.12 3.08 -22.46
CA ASN A 329 20.87 3.46 -21.26
C ASN A 329 22.14 4.24 -21.60
N THR A 330 22.30 5.42 -20.99
CA THR A 330 23.50 6.24 -21.20
C THR A 330 24.62 5.83 -20.24
N SER A 331 25.78 5.49 -20.80
CA SER A 331 26.94 5.14 -19.99
C SER A 331 27.39 6.33 -19.13
N SER A 332 27.87 6.02 -17.93
CA SER A 332 28.16 7.11 -16.99
C SER A 332 29.35 7.97 -17.41
N ASP A 333 30.24 7.48 -18.28
CA ASP A 333 31.27 8.32 -18.90
C ASP A 333 30.73 9.21 -20.02
N GLY A 334 29.42 9.15 -20.30
CA GLY A 334 28.83 9.96 -21.33
C GLY A 334 29.13 9.52 -22.76
N LYS A 335 29.81 8.40 -22.97
CA LYS A 335 30.21 8.07 -24.33
C LYS A 335 29.11 7.43 -25.17
N TYR A 336 28.22 6.63 -24.57
CA TYR A 336 27.35 5.76 -25.34
C TYR A 336 25.90 5.84 -24.91
N PHE A 337 25.00 5.81 -25.90
CA PHE A 337 23.65 5.30 -25.71
C PHE A 337 23.71 3.80 -26.00
N ILE A 338 23.35 2.98 -25.03
CA ILE A 338 23.41 1.53 -25.20
C ILE A 338 21.99 0.99 -25.29
N ALA A 339 21.64 0.43 -26.44
CA ALA A 339 20.31 -0.14 -26.65
C ALA A 339 20.40 -1.66 -26.52
N ALA A 340 19.54 -2.22 -25.69
CA ALA A 340 19.54 -3.67 -25.47
C ALA A 340 18.72 -4.36 -26.55
N GLY A 341 19.25 -5.47 -27.07
CA GLY A 341 18.73 -6.04 -28.30
C GLY A 341 17.46 -6.86 -28.18
N LYS A 342 17.10 -7.29 -26.97
CA LYS A 342 15.90 -8.12 -26.73
C LYS A 342 15.88 -9.35 -27.64
N LEU A 343 15.35 -9.21 -28.86
CA LEU A 343 15.25 -10.36 -29.77
C LEU A 343 16.61 -10.71 -30.38
N SER A 344 17.50 -9.75 -30.47
CA SER A 344 18.88 -9.91 -30.87
C SER A 344 19.74 -10.16 -29.63
N PRO A 345 20.62 -11.15 -29.62
CA PRO A 345 21.38 -11.44 -28.39
C PRO A 345 22.54 -10.47 -28.17
N THR A 346 22.28 -9.18 -28.38
CA THR A 346 23.31 -8.15 -28.48
C THR A 346 22.85 -6.89 -27.75
N CYS A 347 23.79 -6.01 -27.49
CA CYS A 347 23.50 -4.61 -27.27
C CYS A 347 24.12 -3.84 -28.43
N SER A 348 23.59 -2.67 -28.73
CA SER A 348 24.15 -1.80 -29.76
C SER A 348 24.61 -0.53 -29.09
N MET A 349 25.82 -0.10 -29.41
CA MET A 349 26.46 1.03 -28.73
C MET A 349 26.54 2.21 -29.70
N ILE A 350 25.77 3.25 -29.43
CA ILE A 350 25.76 4.47 -30.24
C ILE A 350 26.76 5.46 -29.65
N ALA A 351 27.74 5.88 -30.44
CA ALA A 351 28.75 6.83 -29.99
C ALA A 351 28.15 8.23 -29.98
N ILE A 352 27.92 8.77 -28.77
CA ILE A 352 27.31 10.09 -28.65
C ILE A 352 28.18 11.17 -29.32
N ASP A 353 29.51 11.01 -29.31
CA ASP A 353 30.32 12.03 -29.96
C ASP A 353 30.23 12.03 -31.49
N LYS A 354 29.56 11.06 -32.13
CA LYS A 354 29.32 11.06 -33.58
C LYS A 354 27.97 11.66 -33.96
N LEU A 355 27.13 11.97 -33.00
CA LEU A 355 25.79 12.46 -33.29
C LEU A 355 25.83 13.86 -33.91
N PRO A 356 26.69 14.79 -33.46
CA PRO A 356 26.76 16.08 -34.19
C PRO A 356 27.02 15.87 -35.68
N ASP A 357 28.00 15.03 -36.03
CA ASP A 357 28.26 14.75 -37.43
C ASP A 357 27.02 14.14 -38.13
N LEU A 358 26.29 13.27 -37.43
CA LEU A 358 25.10 12.65 -38.02
C LEU A 358 24.08 13.73 -38.40
N PHE A 359 23.73 14.58 -37.45
CA PHE A 359 22.75 15.62 -37.75
C PHE A 359 23.28 16.65 -38.75
N ALA A 360 24.60 16.82 -38.86
CA ALA A 360 25.20 17.75 -39.82
C ALA A 360 25.24 17.19 -41.24
N GLY A 361 24.77 15.97 -41.47
CA GLY A 361 24.89 15.38 -42.79
C GLY A 361 26.31 15.05 -43.18
N LYS A 362 27.16 14.72 -42.22
CA LYS A 362 28.55 14.44 -42.51
C LYS A 362 28.87 12.95 -42.54
N LEU A 363 27.93 12.10 -42.17
CA LEU A 363 28.14 10.66 -42.16
C LEU A 363 27.33 10.01 -43.27
N ALA A 364 27.92 8.96 -43.86
CA ALA A 364 27.31 8.38 -45.05
C ALA A 364 26.04 7.61 -44.71
N ASP A 365 25.90 7.16 -43.47
CA ASP A 365 24.89 6.20 -43.13
C ASP A 365 24.61 6.32 -41.64
N PRO A 366 23.34 6.30 -41.22
CA PRO A 366 23.06 6.38 -39.78
C PRO A 366 23.70 5.25 -38.98
N ARG A 367 23.97 4.10 -39.61
CA ARG A 367 24.64 3.00 -38.91
C ARG A 367 26.06 3.34 -38.50
N ASP A 368 26.65 4.42 -39.04
CA ASP A 368 28.04 4.75 -38.73
C ASP A 368 28.22 5.29 -37.31
N VAL A 369 27.14 5.72 -36.63
CA VAL A 369 27.27 6.09 -35.22
C VAL A 369 27.29 4.88 -34.30
N ILE A 370 27.01 3.68 -34.83
CA ILE A 370 27.14 2.45 -34.05
C ILE A 370 28.60 2.06 -34.00
N VAL A 371 29.14 1.95 -32.80
CA VAL A 371 30.56 1.62 -32.64
C VAL A 371 30.78 0.33 -31.88
N GLY A 372 29.72 -0.34 -31.45
CA GLY A 372 29.88 -1.64 -30.83
C GLY A 372 28.58 -2.38 -30.88
N GLU A 373 28.66 -3.69 -30.98
CA GLU A 373 27.47 -4.51 -30.96
C GLU A 373 27.83 -5.83 -30.30
N PRO A 374 28.17 -5.82 -29.00
CA PRO A 374 28.64 -7.05 -28.34
C PRO A 374 27.56 -8.11 -28.33
N GLU A 375 27.97 -9.36 -28.52
CA GLU A 375 27.06 -10.49 -28.35
C GLU A 375 27.18 -10.97 -26.92
N LEU A 376 26.05 -11.03 -26.22
CA LEU A 376 26.06 -11.19 -24.77
C LEU A 376 25.30 -12.40 -24.27
N GLY A 377 24.21 -12.78 -24.90
CA GLY A 377 23.36 -13.85 -24.39
C GLY A 377 21.93 -13.63 -24.83
N LEU A 378 21.06 -14.53 -24.36
CA LEU A 378 19.68 -14.60 -24.82
C LEU A 378 18.79 -13.64 -24.05
N GLY A 379 18.18 -12.69 -24.76
CA GLY A 379 17.22 -11.75 -24.20
C GLY A 379 17.78 -10.55 -23.44
N PRO A 380 18.75 -9.82 -24.01
CA PRO A 380 19.25 -8.61 -23.32
C PRO A 380 18.17 -7.56 -23.23
N LEU A 381 17.94 -7.03 -22.03
CA LEU A 381 16.86 -6.08 -21.81
C LEU A 381 17.30 -4.70 -21.32
N HIS A 382 18.26 -4.62 -20.39
CA HIS A 382 18.64 -3.33 -19.79
C HIS A 382 20.10 -3.39 -19.39
N THR A 383 20.72 -2.21 -19.26
CA THR A 383 22.15 -2.10 -18.99
C THR A 383 22.41 -1.05 -17.92
N THR A 384 23.39 -1.29 -17.05
CA THR A 384 23.81 -0.31 -16.05
C THR A 384 25.34 -0.34 -15.98
N PHE A 385 25.94 0.55 -15.17
CA PHE A 385 27.38 0.83 -15.25
C PHE A 385 27.96 0.98 -13.86
N ASP A 386 29.21 0.52 -13.69
CA ASP A 386 29.87 0.62 -12.40
C ASP A 386 30.79 1.82 -12.29
N GLY A 387 30.90 2.63 -13.34
CA GLY A 387 31.87 3.71 -13.33
C GLY A 387 33.30 3.27 -13.57
N ARG A 388 33.58 1.97 -13.56
CA ARG A 388 34.94 1.50 -13.77
C ARG A 388 35.20 1.09 -15.20
N GLY A 389 34.24 1.30 -16.09
CA GLY A 389 34.35 0.90 -17.47
C GLY A 389 33.55 -0.32 -17.84
N ASN A 390 32.89 -0.95 -16.89
CA ASN A 390 32.08 -2.12 -17.19
C ASN A 390 30.61 -1.73 -17.35
N ALA A 391 29.93 -2.48 -18.21
CA ALA A 391 28.48 -2.49 -18.28
C ALA A 391 27.95 -3.81 -17.72
N TYR A 392 26.73 -3.76 -17.22
CA TYR A 392 26.03 -4.92 -16.64
C TYR A 392 24.67 -5.01 -17.33
N THR A 393 24.38 -6.15 -17.96
CA THR A 393 23.17 -6.25 -18.78
C THR A 393 22.36 -7.47 -18.33
N THR A 394 21.05 -7.28 -18.18
CA THR A 394 20.16 -8.41 -17.87
C THR A 394 19.91 -9.26 -19.09
N LEU A 395 19.98 -10.58 -18.89
CA LEU A 395 19.62 -11.56 -19.92
C LEU A 395 18.33 -12.23 -19.45
N PHE A 396 17.21 -11.83 -20.06
CA PHE A 396 15.91 -12.28 -19.61
C PHE A 396 15.73 -13.79 -19.82
N ILE A 397 16.18 -14.31 -20.96
CA ILE A 397 15.99 -15.73 -21.28
C ILE A 397 17.00 -16.60 -20.54
N ASP A 398 18.30 -16.26 -20.65
CA ASP A 398 19.33 -16.98 -19.91
C ASP A 398 19.22 -16.78 -18.39
N SER A 399 18.46 -15.78 -17.93
CA SER A 399 18.25 -15.48 -16.50
C SER A 399 19.58 -15.22 -15.80
N GLN A 400 20.27 -14.20 -16.31
CA GLN A 400 21.59 -13.84 -15.78
C GLN A 400 21.77 -12.33 -15.86
N VAL A 401 22.77 -11.85 -15.14
CA VAL A 401 23.39 -10.53 -15.34
C VAL A 401 24.75 -10.80 -15.96
N VAL A 402 25.06 -10.16 -17.10
CA VAL A 402 26.36 -10.33 -17.72
C VAL A 402 27.15 -9.03 -17.58
N LYS A 403 28.36 -9.14 -17.07
CA LYS A 403 29.28 -8.01 -16.90
C LYS A 403 30.24 -7.97 -18.07
N TRP A 404 30.34 -6.82 -18.74
CA TRP A 404 31.22 -6.74 -19.91
C TRP A 404 31.90 -5.39 -20.00
N ASN A 405 33.05 -5.34 -20.68
CA ASN A 405 33.85 -4.13 -20.74
C ASN A 405 33.53 -3.36 -22.02
N MET A 406 33.11 -2.12 -21.88
CA MET A 406 32.60 -1.39 -23.03
C MET A 406 33.70 -1.06 -24.05
N GLU A 407 34.87 -0.61 -23.59
CA GLU A 407 35.89 -0.28 -24.60
C GLU A 407 36.39 -1.53 -25.31
N GLU A 408 36.40 -2.69 -24.64
CA GLU A 408 36.83 -3.90 -25.33
C GLU A 408 35.77 -4.35 -26.35
N ALA A 409 34.49 -4.14 -26.03
CA ALA A 409 33.43 -4.37 -27.00
C ALA A 409 33.64 -3.53 -28.25
N VAL A 410 34.06 -2.26 -28.08
CA VAL A 410 34.23 -1.38 -29.23
C VAL A 410 35.36 -1.89 -30.11
N ARG A 411 36.43 -2.38 -29.50
CA ARG A 411 37.56 -2.91 -30.27
C ARG A 411 37.18 -4.21 -30.97
N ALA A 412 36.39 -5.05 -30.30
CA ALA A 412 35.89 -6.24 -30.96
C ALA A 412 35.08 -5.89 -32.21
N TYR A 413 34.22 -4.87 -32.12
CA TYR A 413 33.41 -4.46 -33.27
C TYR A 413 34.27 -4.10 -34.47
N LYS A 414 35.46 -3.54 -34.23
CA LYS A 414 36.40 -3.28 -35.31
C LYS A 414 37.12 -4.54 -35.79
N GLY A 415 36.97 -5.66 -35.09
CA GLY A 415 37.54 -6.92 -35.53
C GLY A 415 38.68 -7.48 -34.70
N GLU A 416 39.03 -6.88 -33.57
CA GLU A 416 40.06 -7.49 -32.74
C GLU A 416 39.51 -8.69 -32.01
N LYS A 417 40.38 -9.68 -31.81
CA LYS A 417 40.05 -10.83 -30.98
C LYS A 417 40.29 -10.41 -29.53
N VAL A 418 39.20 -10.09 -28.82
CA VAL A 418 39.32 -9.72 -27.42
C VAL A 418 38.01 -10.06 -26.73
N ASN A 419 38.08 -10.79 -25.62
CA ASN A 419 36.87 -11.20 -24.92
C ASN A 419 36.46 -10.08 -23.97
N TYR A 420 35.38 -9.40 -24.30
CA TYR A 420 34.87 -8.32 -23.48
C TYR A 420 33.95 -8.82 -22.36
N ILE A 421 33.59 -10.11 -22.37
CA ILE A 421 32.69 -10.66 -21.34
C ILE A 421 33.52 -11.04 -20.12
N LYS A 422 33.12 -10.54 -18.95
CA LYS A 422 33.87 -10.79 -17.73
C LYS A 422 33.23 -11.83 -16.83
N GLN A 423 31.90 -11.85 -16.73
CA GLN A 423 31.27 -12.78 -15.80
C GLN A 423 29.78 -12.82 -16.11
N LYS A 424 29.19 -14.00 -15.93
CA LYS A 424 27.74 -14.12 -15.95
C LYS A 424 27.29 -14.66 -14.60
N LEU A 425 26.34 -13.99 -13.98
CA LEU A 425 25.82 -14.37 -12.67
C LEU A 425 24.37 -14.79 -12.80
N ASP A 426 24.03 -15.99 -12.32
CA ASP A 426 22.64 -16.45 -12.39
C ASP A 426 21.76 -15.68 -11.40
N VAL A 427 20.59 -15.25 -11.86
CA VAL A 427 19.59 -14.57 -11.04
C VAL A 427 18.25 -15.30 -11.20
N HIS A 428 17.30 -14.99 -10.31
CA HIS A 428 16.18 -15.92 -10.06
C HIS A 428 14.85 -15.19 -9.95
N TYR A 429 14.06 -15.13 -11.02
CA TYR A 429 14.39 -15.60 -12.37
C TYR A 429 13.80 -14.61 -13.38
N GLN A 430 14.33 -14.58 -14.60
CA GLN A 430 13.85 -13.69 -15.66
C GLN A 430 14.00 -12.23 -15.25
N PRO A 431 15.23 -11.73 -15.20
CA PRO A 431 15.46 -10.33 -14.82
C PRO A 431 15.02 -9.35 -15.90
N GLY A 432 14.52 -8.20 -15.46
CA GLY A 432 14.18 -7.12 -16.35
C GLY A 432 15.12 -5.94 -16.22
N HIS A 433 14.74 -4.96 -15.41
CA HIS A 433 15.62 -3.83 -15.14
C HIS A 433 16.74 -4.24 -14.19
N LEU A 434 17.84 -3.51 -14.24
CA LEU A 434 18.87 -3.61 -13.21
C LEU A 434 19.47 -2.22 -13.01
N HIS A 435 20.03 -2.00 -11.83
CA HIS A 435 20.41 -0.64 -11.45
C HIS A 435 21.61 -0.68 -10.53
N ALA A 436 22.73 -0.08 -10.96
CA ALA A 436 23.92 0.04 -10.14
C ALA A 436 23.94 1.42 -9.47
N SER A 437 24.58 1.50 -8.31
CA SER A 437 24.45 2.71 -7.50
C SER A 437 25.12 3.89 -8.21
N LEU A 438 24.38 5.00 -8.29
CA LEU A 438 24.74 6.26 -8.97
C LEU A 438 24.98 6.07 -10.48
N CYS A 439 24.43 5.02 -11.09
CA CYS A 439 24.75 4.69 -12.48
C CYS A 439 24.33 5.79 -13.48
N GLU A 440 23.32 6.61 -13.15
CA GLU A 440 22.77 7.63 -14.03
C GLU A 440 23.57 8.94 -13.97
N THR A 441 24.69 8.93 -13.24
CA THR A 441 25.48 10.12 -12.97
C THR A 441 26.94 9.86 -13.28
N ASN A 442 27.71 10.94 -13.44
CA ASN A 442 29.14 10.79 -13.65
C ASN A 442 29.89 10.44 -12.38
N GLU A 443 29.18 10.14 -11.29
CA GLU A 443 29.74 9.67 -10.02
C GLU A 443 29.43 8.21 -9.76
N ALA A 444 28.99 7.46 -10.78
CA ALA A 444 28.70 6.03 -10.64
C ALA A 444 29.80 5.36 -9.84
N ASP A 445 29.44 4.70 -8.73
CA ASP A 445 30.45 4.34 -7.74
C ASP A 445 30.75 2.84 -7.68
N GLY A 446 30.06 2.02 -8.47
CA GLY A 446 30.46 0.63 -8.59
C GLY A 446 30.30 -0.20 -7.34
N LYS A 447 29.39 0.16 -6.43
CA LYS A 447 29.29 -0.58 -5.17
CA LYS A 447 29.28 -0.57 -5.17
C LYS A 447 28.17 -1.61 -5.17
N TRP A 448 26.92 -1.20 -5.47
CA TRP A 448 25.74 -2.07 -5.34
C TRP A 448 25.02 -2.17 -6.68
N LEU A 449 24.43 -3.33 -6.91
CA LEU A 449 23.64 -3.59 -8.10
C LEU A 449 22.35 -4.29 -7.67
N VAL A 450 21.21 -3.82 -8.17
CA VAL A 450 19.94 -4.49 -7.95
C VAL A 450 19.42 -4.98 -9.30
N ALA A 451 19.13 -6.27 -9.38
CA ALA A 451 18.45 -6.84 -10.54
C ALA A 451 17.03 -7.21 -10.12
N LEU A 452 16.06 -6.82 -10.94
CA LEU A 452 14.65 -6.96 -10.56
C LEU A 452 14.04 -8.05 -11.42
N SER A 453 13.77 -9.21 -10.81
CA SER A 453 13.41 -10.41 -11.56
C SER A 453 11.92 -10.73 -11.45
N LYS A 454 11.34 -11.18 -12.57
CA LYS A 454 9.88 -11.26 -12.69
C LYS A 454 9.29 -12.48 -11.99
N PHE A 455 9.99 -13.61 -12.00
CA PHE A 455 9.43 -14.86 -11.52
C PHE A 455 10.25 -15.32 -10.31
N SER A 456 9.67 -15.17 -9.12
CA SER A 456 10.38 -15.57 -7.91
C SER A 456 10.27 -17.07 -7.63
N LYS A 457 9.31 -17.77 -8.24
CA LYS A 457 9.13 -19.21 -8.09
C LYS A 457 9.22 -19.67 -6.64
N ASP A 458 10.24 -20.46 -6.32
CA ASP A 458 10.46 -21.07 -5.01
C ASP A 458 11.39 -20.26 -4.10
N ARG A 459 11.68 -19.00 -4.43
CA ARG A 459 12.67 -18.26 -3.65
C ARG A 459 12.10 -17.73 -2.35
N PHE A 460 10.78 -17.67 -2.21
CA PHE A 460 10.11 -17.24 -0.99
C PHE A 460 9.00 -18.23 -0.62
N LEU A 461 8.53 -18.14 0.62
CA LEU A 461 7.39 -18.96 1.05
C LEU A 461 6.21 -18.78 0.09
N PRO A 462 5.40 -19.81 -0.15
CA PRO A 462 4.22 -19.63 -1.02
C PRO A 462 3.17 -18.76 -0.34
N VAL A 463 2.50 -17.93 -1.14
CA VAL A 463 1.50 -16.99 -0.61
C VAL A 463 0.26 -16.93 -1.49
N GLY A 464 -0.10 -18.05 -2.09
CA GLY A 464 -1.26 -18.11 -2.95
C GLY A 464 -0.92 -17.95 -4.43
N PRO A 465 -1.96 -17.72 -5.25
CA PRO A 465 -1.73 -17.69 -6.70
C PRO A 465 -0.87 -16.53 -7.17
N LEU A 466 -0.84 -15.41 -6.45
CA LEU A 466 -0.02 -14.26 -6.82
C LEU A 466 1.36 -14.40 -6.18
N HIS A 467 2.42 -14.01 -6.91
CA HIS A 467 3.78 -14.14 -6.38
C HIS A 467 4.47 -12.78 -6.29
N PRO A 468 5.44 -12.63 -5.39
CA PRO A 468 6.23 -11.40 -5.34
C PRO A 468 7.30 -11.37 -6.44
N GLU A 469 7.69 -10.15 -6.81
CA GLU A 469 8.89 -9.93 -7.59
C GLU A 469 10.12 -10.22 -6.72
N ASN A 470 11.20 -10.71 -7.34
CA ASN A 470 12.44 -10.94 -6.60
C ASN A 470 13.47 -9.88 -6.99
N ASP A 471 13.70 -8.95 -6.09
CA ASP A 471 14.69 -7.89 -6.30
C ASP A 471 15.96 -8.30 -5.58
N GLN A 472 16.99 -8.66 -6.33
CA GLN A 472 18.19 -9.25 -5.75
C GLN A 472 19.31 -8.24 -5.67
N LEU A 473 19.92 -8.14 -4.49
CA LEU A 473 21.03 -7.23 -4.24
C LEU A 473 22.34 -7.94 -4.50
N ILE A 474 23.18 -7.32 -5.33
CA ILE A 474 24.42 -7.90 -5.81
C ILE A 474 25.58 -6.95 -5.49
N ASP A 475 26.61 -7.46 -4.85
CA ASP A 475 27.82 -6.69 -4.57
C ASP A 475 28.68 -6.64 -5.82
N ILE A 476 28.88 -5.44 -6.37
CA ILE A 476 29.74 -5.31 -7.54
C ILE A 476 31.03 -4.54 -7.22
N SER A 477 31.37 -4.40 -5.94
CA SER A 477 32.54 -3.58 -5.57
C SER A 477 33.85 -4.19 -6.03
N GLY A 478 33.95 -5.52 -6.16
CA GLY A 478 35.17 -6.16 -6.61
C GLY A 478 35.05 -6.71 -8.02
N ASP A 479 36.01 -7.57 -8.38
CA ASP A 479 36.03 -8.10 -9.75
C ASP A 479 34.93 -9.13 -9.99
N GLU A 480 34.49 -9.82 -8.94
CA GLU A 480 33.46 -10.85 -9.06
C GLU A 480 32.15 -10.32 -8.48
N MET A 481 31.09 -10.32 -9.29
CA MET A 481 29.76 -10.03 -8.78
C MET A 481 29.36 -11.09 -7.74
N LYS A 482 28.78 -10.66 -6.62
CA LYS A 482 28.31 -11.60 -5.60
C LYS A 482 26.86 -11.32 -5.21
N LEU A 483 26.01 -12.35 -5.28
CA LEU A 483 24.61 -12.19 -4.88
C LEU A 483 24.53 -12.22 -3.36
N VAL A 484 23.86 -11.24 -2.74
CA VAL A 484 23.83 -11.18 -1.29
C VAL A 484 22.43 -11.18 -0.68
N HIS A 485 21.37 -10.73 -1.37
CA HIS A 485 20.06 -10.67 -0.74
C HIS A 485 18.96 -10.82 -1.80
N ASP A 486 17.93 -11.61 -1.46
CA ASP A 486 16.68 -11.69 -2.23
C ASP A 486 15.62 -10.85 -1.52
N GLY A 487 15.10 -9.84 -2.21
CA GLY A 487 14.10 -8.97 -1.65
C GLY A 487 12.78 -9.11 -2.37
N PRO A 488 11.76 -9.66 -1.72
CA PRO A 488 10.47 -9.81 -2.38
C PRO A 488 9.72 -8.50 -2.37
N THR A 489 9.02 -8.21 -3.47
CA THR A 489 8.31 -6.93 -3.55
C THR A 489 6.97 -7.11 -4.26
N PHE A 490 6.05 -6.19 -3.96
CA PHE A 490 4.66 -6.31 -4.35
C PHE A 490 4.35 -5.54 -5.63
N ALA A 491 3.60 -6.17 -6.55
CA ALA A 491 2.99 -5.50 -7.70
C ALA A 491 3.99 -5.09 -8.75
N GLU A 492 5.11 -5.82 -8.85
CA GLU A 492 6.12 -5.66 -9.90
C GLU A 492 6.68 -4.23 -9.95
N PRO A 493 7.44 -3.81 -8.92
CA PRO A 493 8.15 -2.52 -8.98
C PRO A 493 8.85 -2.25 -10.29
N HIS A 494 9.47 -3.26 -10.92
CA HIS A 494 9.96 -3.11 -12.29
C HIS A 494 11.34 -2.41 -12.35
N ASP A 495 11.47 -1.22 -11.76
CA ASP A 495 12.74 -0.49 -11.76
C ASP A 495 12.87 0.33 -10.47
N CYS A 496 14.11 0.74 -10.16
CA CYS A 496 14.41 1.46 -8.94
C CYS A 496 15.60 2.38 -9.18
N ILE A 497 15.86 3.24 -8.21
CA ILE A 497 17.02 4.13 -8.29
C ILE A 497 17.60 4.33 -6.89
N MET A 498 18.93 4.40 -6.79
CA MET A 498 19.62 4.57 -5.53
C MET A 498 20.31 5.93 -5.46
N ALA A 499 20.42 6.47 -4.24
CA ALA A 499 21.16 7.70 -3.98
C ALA A 499 21.93 7.54 -2.68
N ARG A 500 23.11 8.16 -2.59
CA ARG A 500 23.86 8.16 -1.34
C ARG A 500 23.03 8.82 -0.24
N ARG A 501 23.23 8.38 0.99
CA ARG A 501 22.56 9.03 2.13
C ARG A 501 22.76 10.54 2.10
N ASP A 502 23.97 11.00 1.78
CA ASP A 502 24.26 12.43 1.86
C ASP A 502 23.74 13.20 0.64
N GLN A 503 23.13 12.52 -0.33
CA GLN A 503 22.51 13.21 -1.43
C GLN A 503 21.07 13.60 -1.16
N ILE A 504 20.49 13.14 -0.06
CA ILE A 504 19.08 13.36 0.27
C ILE A 504 19.02 14.13 1.58
N LYS A 505 18.31 15.25 1.58
CA LYS A 505 18.15 16.05 2.79
C LYS A 505 16.68 16.32 3.01
N THR A 506 16.12 15.83 4.12
CA THR A 506 14.69 15.85 4.34
C THR A 506 14.36 16.77 5.50
N LYS A 507 13.14 17.32 5.46
CA LYS A 507 12.62 18.14 6.54
C LYS A 507 12.19 17.28 7.72
N LYS A 508 12.47 17.78 8.93
CA LYS A 508 12.08 17.09 10.14
C LYS A 508 10.64 17.41 10.52
N ILE A 509 10.23 18.65 10.26
CA ILE A 509 8.87 19.11 10.46
C ILE A 509 8.54 20.01 9.29
N TRP A 510 7.23 20.23 9.09
CA TRP A 510 6.80 21.03 7.94
C TRP A 510 7.11 22.51 8.11
N ASP A 511 7.30 23.17 6.99
CA ASP A 511 7.36 24.63 6.89
C ASP A 511 5.95 25.18 6.74
N ARG A 512 5.59 26.18 7.56
CA ARG A 512 4.23 26.74 7.49
C ARG A 512 3.94 27.42 6.16
N ASN A 513 4.96 27.84 5.40
CA ASN A 513 4.75 28.40 4.07
C ASN A 513 4.79 27.35 2.95
N ASP A 514 4.72 26.07 3.27
CA ASP A 514 4.97 25.07 2.24
C ASP A 514 3.90 25.14 1.13
N PRO A 515 4.31 25.16 -0.14
CA PRO A 515 3.33 25.17 -1.25
C PRO A 515 2.36 24.00 -1.24
N PHE A 516 2.71 22.87 -0.63
CA PHE A 516 1.84 21.70 -0.62
C PHE A 516 0.45 22.03 -0.07
N PHE A 517 0.35 22.84 1.00
CA PHE A 517 -0.96 23.24 1.52
C PHE A 517 -1.21 24.74 1.39
N ALA A 518 -0.46 25.42 0.53
CA ALA A 518 -0.69 26.84 0.32
C ALA A 518 -2.11 27.17 -0.15
N PRO A 519 -2.75 26.41 -1.06
CA PRO A 519 -4.14 26.75 -1.41
C PRO A 519 -5.07 26.66 -0.21
N THR A 520 -4.78 25.77 0.75
CA THR A 520 -5.60 25.72 1.96
C THR A 520 -5.35 26.93 2.83
N VAL A 521 -4.10 27.37 2.95
CA VAL A 521 -3.82 28.59 3.70
C VAL A 521 -4.57 29.76 3.10
N GLU A 522 -4.68 29.80 1.77
CA GLU A 522 -5.41 30.86 1.09
C GLU A 522 -6.89 30.80 1.42
N MET A 523 -7.49 29.61 1.37
CA MET A 523 -8.89 29.46 1.76
C MET A 523 -9.11 29.96 3.18
N ALA A 524 -8.21 29.59 4.10
CA ALA A 524 -8.31 30.05 5.48
C ALA A 524 -8.24 31.58 5.55
N LYS A 525 -7.41 32.20 4.69
CA LYS A 525 -7.30 33.66 4.71
C LYS A 525 -8.62 34.32 4.34
N LYS A 526 -9.29 33.79 3.32
CA LYS A 526 -10.59 34.34 2.92
C LYS A 526 -11.61 34.23 4.04
N ASP A 527 -11.50 33.24 4.90
CA ASP A 527 -12.39 33.12 6.05
C ASP A 527 -11.91 33.92 7.27
N GLY A 528 -10.79 34.63 7.17
CA GLY A 528 -10.29 35.40 8.30
C GLY A 528 -9.61 34.58 9.37
N ILE A 529 -9.09 33.40 9.00
CA ILE A 529 -8.61 32.39 9.95
C ILE A 529 -7.09 32.45 10.07
N ASN A 530 -6.59 32.48 11.30
CA ASN A 530 -5.17 32.27 11.57
C ASN A 530 -5.01 30.79 11.93
N LEU A 531 -4.48 30.01 10.98
CA LEU A 531 -4.44 28.55 11.11
C LEU A 531 -3.58 28.09 12.29
N ASP A 532 -2.63 28.90 12.73
CA ASP A 532 -1.75 28.52 13.84
C ASP A 532 -2.41 28.60 15.21
N THR A 533 -3.55 29.28 15.33
CA THR A 533 -4.16 29.52 16.65
C THR A 533 -5.65 29.19 16.72
N ASP A 534 -6.37 29.24 15.61
CA ASP A 534 -7.83 29.34 15.68
C ASP A 534 -8.53 27.99 15.77
N ASN A 535 -9.64 27.99 16.52
CA ASN A 535 -10.52 26.83 16.64
C ASN A 535 -11.94 27.36 16.43
N LYS A 536 -12.42 27.28 15.19
CA LYS A 536 -13.59 28.05 14.78
C LYS A 536 -14.39 27.26 13.76
N VAL A 537 -15.70 27.46 13.77
CA VAL A 537 -16.59 26.82 12.81
C VAL A 537 -17.26 27.92 12.01
N ILE A 538 -17.03 27.93 10.70
CA ILE A 538 -17.59 28.92 9.78
C ILE A 538 -18.81 28.34 9.09
N ARG A 539 -19.92 29.08 9.10
CA ARG A 539 -21.18 28.64 8.49
C ARG A 539 -21.42 29.47 7.24
N ASP A 540 -21.74 28.78 6.15
CA ASP A 540 -21.87 29.48 4.88
C ASP A 540 -22.93 28.71 4.05
N GLY A 541 -24.20 29.01 4.31
CA GLY A 541 -25.26 28.27 3.64
C GLY A 541 -25.27 26.84 4.12
N ASN A 542 -25.21 25.88 3.18
CA ASN A 542 -25.15 24.48 3.55
C ASN A 542 -23.72 23.96 3.59
N LYS A 543 -22.75 24.86 3.56
CA LYS A 543 -21.35 24.53 3.72
C LYS A 543 -20.90 24.90 5.13
N VAL A 544 -20.08 24.03 5.73
CA VAL A 544 -19.53 24.24 7.06
C VAL A 544 -18.03 24.00 6.97
N ARG A 545 -17.24 25.00 7.38
CA ARG A 545 -15.79 24.91 7.35
C ARG A 545 -15.28 24.99 8.80
N VAL A 546 -14.85 23.84 9.31
CA VAL A 546 -14.27 23.72 10.64
C VAL A 546 -12.77 23.94 10.51
N TYR A 547 -12.21 24.82 11.33
CA TYR A 547 -10.76 24.98 11.44
C TYR A 547 -10.33 24.69 12.87
N MET A 548 -9.27 23.92 13.05
CA MET A 548 -8.80 23.62 14.39
C MET A 548 -7.30 23.36 14.38
N THR A 549 -6.67 23.69 15.50
CA THR A 549 -5.34 23.18 15.79
C THR A 549 -5.49 21.80 16.45
N SER A 550 -4.42 21.01 16.40
CA SER A 550 -4.38 19.76 17.15
C SER A 550 -3.05 19.66 17.88
N MET A 551 -3.10 19.16 19.10
CA MET A 551 -1.90 18.92 19.91
C MET A 551 -2.16 17.65 20.73
N ALA A 552 -1.52 16.55 20.33
CA ALA A 552 -1.74 15.29 21.03
C ALA A 552 -1.64 15.52 22.54
N PRO A 553 -2.62 15.06 23.34
CA PRO A 553 -3.70 14.17 22.89
C PRO A 553 -5.07 14.81 22.69
N ALA A 554 -5.16 16.06 22.20
CA ALA A 554 -6.45 16.75 22.12
C ALA A 554 -6.66 17.46 20.78
N PHE A 555 -7.80 17.19 20.14
CA PHE A 555 -8.24 18.05 19.04
C PHE A 555 -8.64 19.40 19.58
N GLY A 556 -8.28 20.46 18.84
CA GLY A 556 -8.63 21.80 19.24
C GLY A 556 -10.11 22.13 19.13
N VAL A 557 -10.85 21.43 18.27
CA VAL A 557 -12.31 21.47 18.27
C VAL A 557 -12.78 20.05 18.53
N GLN A 558 -13.48 19.85 19.66
CA GLN A 558 -13.85 18.51 20.10
C GLN A 558 -15.30 18.18 19.86
N GLU A 559 -16.11 19.13 19.42
CA GLU A 559 -17.48 18.89 19.03
C GLU A 559 -17.89 20.01 18.09
N PHE A 560 -18.77 19.68 17.15
CA PHE A 560 -19.46 20.69 16.36
C PHE A 560 -20.74 20.06 15.85
N THR A 561 -21.68 20.93 15.51
CA THR A 561 -23.01 20.53 15.10
C THR A 561 -23.29 21.08 13.71
N VAL A 562 -23.91 20.28 12.86
CA VAL A 562 -24.26 20.68 11.49
C VAL A 562 -25.67 20.17 11.20
N LYS A 563 -26.17 20.51 10.00
CA LYS A 563 -27.44 20.01 9.48
C LYS A 563 -27.21 18.82 8.55
N GLN A 564 -28.10 17.83 8.60
CA GLN A 564 -28.06 16.74 7.63
C GLN A 564 -28.02 17.27 6.21
N GLY A 565 -27.11 16.74 5.40
CA GLY A 565 -26.89 17.24 4.05
C GLY A 565 -25.81 18.29 3.90
N ASP A 566 -25.36 18.91 5.00
CA ASP A 566 -24.32 19.93 4.90
C ASP A 566 -23.05 19.33 4.31
N GLU A 567 -22.32 20.15 3.58
CA GLU A 567 -20.99 19.78 3.10
C GLU A 567 -19.96 20.32 4.07
N VAL A 568 -19.28 19.42 4.77
CA VAL A 568 -18.38 19.77 5.86
C VAL A 568 -16.95 19.68 5.36
N THR A 569 -16.18 20.74 5.56
CA THR A 569 -14.73 20.70 5.34
C THR A 569 -14.08 20.82 6.72
N VAL A 570 -13.17 19.91 7.04
CA VAL A 570 -12.44 19.97 8.30
C VAL A 570 -10.97 20.24 7.96
N THR A 571 -10.43 21.34 8.48
CA THR A 571 -9.04 21.73 8.26
C THR A 571 -8.34 21.66 9.62
N ILE A 572 -7.26 20.88 9.71
CA ILE A 572 -6.56 20.64 10.97
C ILE A 572 -5.12 21.07 10.79
N THR A 573 -4.60 21.84 11.75
CA THR A 573 -3.19 22.24 11.79
C THR A 573 -2.54 21.65 13.04
N ASN A 574 -1.55 20.79 12.83
CA ASN A 574 -0.85 20.13 13.94
C ASN A 574 0.20 21.11 14.44
N ILE A 575 -0.02 21.67 15.63
CA ILE A 575 0.91 22.69 16.13
C ILE A 575 1.95 22.11 17.08
N ASP A 576 2.03 20.78 17.21
CA ASP A 576 3.18 20.15 17.86
C ASP A 576 4.48 20.55 17.16
N GLN A 577 5.56 20.65 17.93
CA GLN A 577 6.89 20.84 17.34
C GLN A 577 7.81 19.64 17.52
N ILE A 578 7.34 18.57 18.17
CA ILE A 578 8.15 17.37 18.39
C ILE A 578 8.12 16.50 17.14
N GLU A 579 9.30 16.22 16.57
CA GLU A 579 9.40 15.29 15.47
C GLU A 579 8.74 13.96 15.78
N ASP A 580 8.13 13.35 14.76
CA ASP A 580 7.49 12.04 14.80
C ASP A 580 6.11 12.07 15.49
N VAL A 581 5.67 13.19 16.07
CA VAL A 581 4.33 13.22 16.72
C VAL A 581 3.32 13.64 15.64
N SER A 582 2.97 12.67 14.78
CA SER A 582 1.96 12.94 13.77
C SER A 582 0.56 12.67 14.35
N ASP A 583 -0.42 13.44 13.88
CA ASP A 583 -1.81 13.21 14.24
C ASP A 583 -2.56 12.66 13.02
N GLY A 584 -3.72 12.07 13.30
CA GLY A 584 -4.63 11.64 12.25
C GLY A 584 -6.02 12.17 12.54
N PHE A 585 -6.91 11.95 11.58
CA PHE A 585 -8.31 12.35 11.68
C PHE A 585 -9.14 11.38 10.86
N VAL A 586 -10.08 10.70 11.51
CA VAL A 586 -10.98 9.74 10.88
C VAL A 586 -12.40 10.09 11.35
N VAL A 587 -13.35 10.20 10.43
CA VAL A 587 -14.76 10.33 10.79
C VAL A 587 -15.41 8.96 10.60
N VAL A 588 -15.91 8.38 11.70
CA VAL A 588 -16.40 7.01 11.66
C VAL A 588 -17.56 6.90 10.67
N ASN A 589 -17.47 5.89 9.81
CA ASN A 589 -18.55 5.49 8.89
C ASN A 589 -18.85 6.56 7.84
N HIS A 590 -17.90 7.46 7.56
CA HIS A 590 -18.05 8.44 6.50
C HIS A 590 -16.94 8.38 5.45
N GLY A 591 -16.02 7.41 5.53
CA GLY A 591 -15.00 7.29 4.51
C GLY A 591 -13.97 8.41 4.51
N VAL A 592 -13.65 8.94 5.70
CA VAL A 592 -12.82 10.14 5.85
C VAL A 592 -11.61 9.75 6.67
N SER A 593 -10.41 10.02 6.15
CA SER A 593 -9.17 9.64 6.82
C SER A 593 -8.04 10.53 6.31
N MET A 594 -7.21 11.08 7.22
CA MET A 594 -6.04 11.82 6.74
C MET A 594 -4.97 11.98 7.83
N GLU A 595 -3.74 12.26 7.37
CA GLU A 595 -2.57 12.56 8.19
C GLU A 595 -2.42 14.06 8.41
N ILE A 596 -2.00 14.46 9.61
CA ILE A 596 -1.51 15.82 9.85
C ILE A 596 -0.22 15.69 10.67
N SER A 597 0.92 15.86 10.01
CA SER A 597 2.22 15.75 10.67
C SER A 597 2.63 17.10 11.27
N PRO A 598 3.68 17.13 12.12
CA PRO A 598 4.02 18.39 12.81
C PRO A 598 4.14 19.59 11.89
N GLN A 599 3.38 20.65 12.19
CA GLN A 599 3.33 21.92 11.48
C GLN A 599 2.64 21.83 10.11
N GLN A 600 2.01 20.70 9.79
CA GLN A 600 1.24 20.59 8.55
C GLN A 600 -0.19 21.09 8.76
N THR A 601 -0.77 21.64 7.70
CA THR A 601 -2.22 21.83 7.60
C THR A 601 -2.78 20.85 6.56
N SER A 602 -3.81 20.08 6.93
CA SER A 602 -4.47 19.13 6.03
CA SER A 602 -4.47 19.17 6.01
C SER A 602 -5.97 19.39 6.08
N SER A 603 -6.66 19.15 4.97
CA SER A 603 -8.10 19.39 4.98
C SER A 603 -8.82 18.32 4.18
N ILE A 604 -10.07 18.07 4.53
CA ILE A 604 -10.86 17.04 3.87
C ILE A 604 -12.32 17.47 3.88
N THR A 605 -13.02 17.15 2.79
CA THR A 605 -14.42 17.55 2.59
C THR A 605 -15.32 16.31 2.42
N PHE A 606 -16.46 16.30 3.12
CA PHE A 606 -17.40 15.18 3.03
C PHE A 606 -18.80 15.72 3.30
N VAL A 607 -19.83 14.96 2.97
CA VAL A 607 -21.18 15.44 3.28
C VAL A 607 -21.71 14.66 4.47
N ALA A 608 -22.29 15.39 5.43
CA ALA A 608 -22.90 14.83 6.64
C ALA A 608 -24.27 14.30 6.26
N ASP A 609 -24.29 13.12 5.66
CA ASP A 609 -25.55 12.62 5.11
C ASP A 609 -26.30 11.71 6.07
N LYS A 610 -25.81 11.57 7.30
CA LYS A 610 -26.46 10.72 8.29
C LYS A 610 -26.76 11.52 9.54
N PRO A 611 -28.02 11.61 9.96
CA PRO A 611 -28.32 12.30 11.22
C PRO A 611 -27.73 11.55 12.38
N GLY A 612 -27.60 12.26 13.49
CA GLY A 612 -27.20 11.65 14.76
C GLY A 612 -25.80 12.07 15.19
N LEU A 613 -25.31 11.35 16.19
CA LEU A 613 -23.97 11.56 16.73
C LEU A 613 -22.98 10.70 15.97
N HIS A 614 -21.88 11.30 15.49
CA HIS A 614 -20.87 10.58 14.71
C HIS A 614 -19.48 10.91 15.23
N TRP A 615 -18.78 9.90 15.73
CA TRP A 615 -17.48 10.12 16.35
C TRP A 615 -16.40 10.35 15.31
N TYR A 616 -15.46 11.20 15.68
CA TYR A 616 -14.18 11.26 14.97
C TYR A 616 -13.03 11.03 15.94
N TYR A 617 -11.92 10.51 15.41
CA TYR A 617 -10.83 10.13 16.29
C TYR A 617 -9.49 10.28 15.57
N CYS A 618 -8.44 10.34 16.37
CA CYS A 618 -7.07 10.42 15.87
C CYS A 618 -6.54 9.03 15.49
N SER A 619 -6.12 8.86 14.24
CA SER A 619 -5.69 7.54 13.78
C SER A 619 -4.21 7.23 14.00
N TRP A 620 -3.38 8.23 14.28
CA TRP A 620 -1.93 8.04 14.44
C TRP A 620 -1.59 7.93 15.91
N PHE A 621 -1.15 6.74 16.35
CA PHE A 621 -0.80 6.53 17.76
C PHE A 621 0.21 7.59 18.16
N CYS A 622 -0.16 8.47 19.08
CA CYS A 622 0.58 9.72 19.24
C CYS A 622 0.96 10.04 20.69
N HIS A 623 0.55 9.21 21.66
CA HIS A 623 0.49 9.59 23.07
C HIS A 623 -0.09 8.43 23.87
N ALA A 624 0.24 8.34 25.16
CA ALA A 624 -0.37 7.32 26.01
C ALA A 624 -1.89 7.43 26.02
N LEU A 625 -2.44 8.65 25.80
CA LEU A 625 -3.88 8.90 25.78
C LEU A 625 -4.44 8.97 24.37
N HIS A 626 -3.82 8.25 23.43
CA HIS A 626 -4.26 8.22 22.03
C HIS A 626 -5.68 7.68 21.87
N MET A 627 -6.05 6.62 22.62
CA MET A 627 -7.39 6.05 22.45
C MET A 627 -8.45 7.09 22.76
N GLU A 628 -8.12 8.06 23.61
CA GLU A 628 -9.03 9.08 24.11
C GLU A 628 -8.97 10.40 23.33
N MET A 629 -8.17 10.51 22.26
CA MET A 629 -8.13 11.72 21.42
C MET A 629 -9.22 11.63 20.37
N VAL A 630 -10.40 12.16 20.71
CA VAL A 630 -11.63 11.93 19.96
C VAL A 630 -12.46 13.20 19.99
N GLY A 631 -13.52 13.20 19.17
CA GLY A 631 -14.43 14.33 19.08
C GLY A 631 -15.76 13.83 18.56
N ARG A 632 -16.74 14.73 18.55
CA ARG A 632 -18.11 14.39 18.18
C ARG A 632 -18.63 15.37 17.14
N MET A 633 -19.19 14.85 16.07
CA MET A 633 -19.95 15.63 15.10
C MET A 633 -21.41 15.30 15.29
N MET A 634 -22.22 16.31 15.58
CA MET A 634 -23.64 16.13 15.79
C MET A 634 -24.41 16.67 14.60
N VAL A 635 -25.26 15.83 14.01
CA VAL A 635 -25.88 16.11 12.73
C VAL A 635 -27.38 16.18 12.98
N GLU A 636 -27.94 17.37 12.81
CA GLU A 636 -29.36 17.59 13.10
C GLU A 636 -30.21 17.13 11.93
N PRO A 637 -31.27 16.35 12.15
CA PRO A 637 -32.05 15.80 11.04
C PRO A 637 -32.67 16.88 10.18
N ALA A 638 -32.64 16.64 8.87
CA ALA A 638 -33.06 17.60 7.86
C ALA A 638 -34.47 18.13 8.12
N GLN B 58 19.44 -20.36 17.16
CA GLN B 58 18.32 -19.98 16.29
C GLN B 58 18.78 -19.09 15.16
N LYS B 59 18.51 -19.50 13.92
CA LYS B 59 18.91 -18.71 12.77
C LYS B 59 18.08 -17.43 12.69
N ILE B 60 18.77 -16.30 12.54
CA ILE B 60 18.14 -14.99 12.47
C ILE B 60 18.12 -14.44 11.05
N HIS B 61 19.00 -14.92 10.17
CA HIS B 61 19.16 -14.37 8.84
C HIS B 61 18.85 -15.42 7.80
N VAL B 62 17.98 -15.06 6.85
CA VAL B 62 17.54 -15.97 5.80
C VAL B 62 18.26 -15.55 4.53
N GLY B 63 19.26 -16.34 4.12
CA GLY B 63 20.07 -16.02 2.96
C GLY B 63 19.38 -16.38 1.65
N PRO B 64 19.96 -15.92 0.53
CA PRO B 64 19.42 -16.28 -0.78
C PRO B 64 19.17 -17.77 -0.93
N GLY B 65 17.92 -18.12 -1.23
CA GLY B 65 17.54 -19.51 -1.39
C GLY B 65 17.04 -20.21 -0.14
N GLU B 66 17.28 -19.66 1.05
CA GLU B 66 16.64 -20.20 2.23
C GLU B 66 15.22 -19.63 2.37
N LEU B 67 14.36 -20.35 3.10
CA LEU B 67 13.01 -19.89 3.33
C LEU B 67 12.80 -19.55 4.81
N ASP B 68 11.86 -18.63 5.06
CA ASP B 68 11.46 -18.29 6.41
C ASP B 68 10.77 -19.49 7.09
N ASP B 69 10.84 -19.51 8.43
CA ASP B 69 10.27 -20.58 9.24
C ASP B 69 8.81 -20.36 9.63
N TYR B 70 8.35 -19.12 9.60
CA TYR B 70 7.00 -18.75 9.99
C TYR B 70 6.42 -17.76 8.99
N TYR B 71 5.09 -17.79 8.87
CA TYR B 71 4.33 -16.70 8.28
C TYR B 71 4.02 -15.67 9.36
N GLY B 72 4.03 -14.40 8.97
CA GLY B 72 3.57 -13.34 9.82
C GLY B 72 2.47 -12.55 9.12
N PHE B 73 1.39 -12.27 9.83
CA PHE B 73 0.28 -11.52 9.24
C PHE B 73 0.17 -10.24 10.04
N TRP B 74 0.55 -9.14 9.40
CA TRP B 74 0.59 -7.83 10.01
C TRP B 74 -0.69 -7.08 9.66
N SER B 75 -1.29 -6.41 10.64
CA SER B 75 -2.31 -5.44 10.27
C SER B 75 -1.69 -4.28 9.49
N GLY B 76 -2.45 -3.71 8.57
CA GLY B 76 -2.00 -2.51 7.91
C GLY B 76 -2.31 -1.20 8.60
N GLY B 77 -2.89 -1.23 9.80
CA GLY B 77 -3.24 0.02 10.46
C GLY B 77 -4.18 0.86 9.59
N HIS B 78 -4.01 2.19 9.62
CA HIS B 78 -4.96 2.99 8.86
C HIS B 78 -4.69 2.99 7.34
N GLN B 79 -3.74 2.20 6.87
CA GLN B 79 -3.62 1.97 5.44
C GLN B 79 -4.62 0.93 4.95
N GLY B 80 -5.12 0.05 5.81
CA GLY B 80 -6.31 -0.72 5.55
C GLY B 80 -6.13 -2.11 4.98
N GLU B 81 -4.89 -2.55 4.68
CA GLU B 81 -4.63 -3.86 4.10
C GLU B 81 -4.13 -4.81 5.18
N VAL B 82 -3.91 -6.06 4.78
CA VAL B 82 -3.19 -7.04 5.58
C VAL B 82 -1.90 -7.39 4.84
N ARG B 83 -0.80 -7.53 5.58
CA ARG B 83 0.49 -7.79 4.94
C ARG B 83 1.01 -9.14 5.41
N VAL B 84 1.53 -9.92 4.48
CA VAL B 84 2.08 -11.23 4.78
C VAL B 84 3.60 -11.11 4.79
N LEU B 85 4.21 -11.39 5.94
CA LEU B 85 5.65 -11.38 6.13
C LEU B 85 6.17 -12.79 6.30
N GLY B 86 7.45 -12.96 5.97
CA GLY B 86 8.20 -14.12 6.37
C GLY B 86 8.96 -13.78 7.64
N VAL B 87 8.96 -14.70 8.58
CA VAL B 87 9.65 -14.56 9.85
C VAL B 87 10.63 -15.72 9.97
N PRO B 88 11.91 -15.47 10.29
CA PRO B 88 12.46 -14.25 10.87
C PRO B 88 13.09 -13.19 9.97
N SER B 89 12.99 -13.33 8.65
CA SER B 89 13.60 -12.30 7.80
C SER B 89 12.87 -10.96 7.89
N MET B 90 11.59 -10.99 8.31
CA MET B 90 10.72 -9.81 8.38
C MET B 90 10.53 -9.13 7.02
N ARG B 91 10.64 -9.89 5.94
CA ARG B 91 10.40 -9.33 4.62
C ARG B 91 8.93 -9.49 4.25
N GLU B 92 8.40 -8.51 3.53
CA GLU B 92 7.01 -8.58 3.09
C GLU B 92 6.89 -9.44 1.83
N LEU B 93 6.13 -10.54 1.93
CA LEU B 93 5.91 -11.46 0.82
C LEU B 93 4.69 -11.11 -0.01
N MET B 94 3.66 -10.52 0.59
CA MET B 94 2.44 -10.24 -0.16
C MET B 94 1.69 -9.16 0.59
N ARG B 95 0.84 -8.44 -0.15
CA ARG B 95 -0.14 -7.54 0.45
C ARG B 95 -1.52 -8.07 0.08
N ILE B 96 -2.40 -8.13 1.08
CA ILE B 96 -3.77 -8.58 0.86
C ILE B 96 -4.68 -7.36 1.02
N PRO B 97 -5.25 -6.82 -0.06
CA PRO B 97 -6.12 -5.65 0.12
C PRO B 97 -7.41 -6.04 0.84
N VAL B 98 -7.89 -5.15 1.73
CA VAL B 98 -9.09 -5.45 2.52
C VAL B 98 -10.00 -4.23 2.49
N PHE B 99 -9.61 -3.18 3.19
CA PHE B 99 -10.42 -1.97 3.23
C PHE B 99 -9.88 -0.88 2.31
N ASN B 100 -8.66 -1.05 1.77
CA ASN B 100 -8.04 -0.13 0.83
C ASN B 100 -8.48 -0.49 -0.58
N VAL B 101 -8.30 0.46 -1.51
CA VAL B 101 -8.48 0.21 -2.94
C VAL B 101 -7.12 -0.06 -3.54
N ASP B 102 -6.93 -1.25 -4.10
CA ASP B 102 -5.64 -1.67 -4.62
C ASP B 102 -5.65 -1.58 -6.14
N SER B 103 -4.91 -0.59 -6.67
CA SER B 103 -4.61 -0.45 -8.10
C SER B 103 -4.09 -1.75 -8.73
N ALA B 104 -3.28 -2.52 -8.02
CA ALA B 104 -2.58 -3.63 -8.67
C ALA B 104 -3.53 -4.77 -9.02
N THR B 105 -4.27 -5.29 -8.02
CA THR B 105 -5.20 -6.40 -8.23
C THR B 105 -6.59 -5.94 -8.66
N GLY B 106 -6.89 -4.64 -8.53
CA GLY B 106 -8.23 -4.17 -8.77
C GLY B 106 -9.20 -4.28 -7.60
N TRP B 107 -8.73 -4.70 -6.42
CA TRP B 107 -9.61 -4.79 -5.27
C TRP B 107 -10.22 -3.43 -4.97
N GLY B 108 -11.55 -3.38 -4.92
CA GLY B 108 -12.30 -2.14 -4.82
C GLY B 108 -12.75 -1.59 -6.15
N LEU B 109 -12.18 -2.07 -7.25
CA LEU B 109 -12.61 -1.70 -8.59
C LEU B 109 -13.40 -2.80 -9.28
N THR B 110 -12.98 -4.06 -9.12
CA THR B 110 -13.63 -5.18 -9.77
C THR B 110 -15.04 -5.45 -9.23
N ASN B 111 -15.85 -6.11 -10.07
CA ASN B 111 -17.17 -6.48 -9.59
C ASN B 111 -17.10 -7.51 -8.47
N GLU B 112 -16.10 -8.41 -8.50
CA GLU B 112 -16.05 -9.44 -7.47
C GLU B 112 -15.74 -8.82 -6.11
N SER B 113 -14.77 -7.91 -6.08
CA SER B 113 -14.40 -7.28 -4.80
C SER B 113 -15.51 -6.38 -4.30
N ARG B 114 -16.13 -5.61 -5.20
CA ARG B 114 -17.18 -4.72 -4.75
C ARG B 114 -18.40 -5.48 -4.25
N HIS B 115 -18.67 -6.68 -4.81
CA HIS B 115 -19.74 -7.54 -4.30
C HIS B 115 -19.44 -8.00 -2.88
N ILE B 116 -18.19 -8.33 -2.58
CA ILE B 116 -17.83 -8.75 -1.22
C ILE B 116 -17.93 -7.59 -0.25
N MET B 117 -17.50 -6.40 -0.66
CA MET B 117 -17.61 -5.23 0.21
C MET B 117 -19.04 -4.73 0.36
N GLY B 118 -19.95 -5.08 -0.56
CA GLY B 118 -21.30 -4.56 -0.42
C GLY B 118 -21.36 -3.04 -0.55
N ASP B 119 -22.33 -2.44 0.15
CA ASP B 119 -22.50 -0.99 0.11
CA ASP B 119 -22.49 -1.00 0.06
C ASP B 119 -21.25 -0.27 0.58
N SER B 120 -20.47 -0.89 1.49
CA SER B 120 -19.22 -0.27 1.98
C SER B 120 -18.13 -0.15 0.91
N ALA B 121 -18.34 -0.71 -0.29
CA ALA B 121 -17.46 -0.44 -1.43
C ALA B 121 -17.36 1.05 -1.77
N LYS B 122 -18.26 1.88 -1.22
CA LYS B 122 -18.16 3.32 -1.45
C LYS B 122 -17.04 3.95 -0.66
N PHE B 123 -16.53 3.29 0.38
CA PHE B 123 -15.43 3.84 1.16
C PHE B 123 -14.12 3.39 0.55
N LEU B 124 -13.15 4.30 0.54
CA LEU B 124 -11.80 4.02 0.04
C LEU B 124 -10.80 3.85 1.19
N ASN B 125 -11.27 3.77 2.44
CA ASN B 125 -10.36 3.77 3.58
C ASN B 125 -10.77 2.70 4.57
N GLY B 126 -9.85 2.38 5.47
CA GLY B 126 -10.12 1.48 6.58
C GLY B 126 -9.07 1.74 7.64
N ASP B 127 -9.27 1.12 8.81
CA ASP B 127 -8.28 1.28 9.89
C ASP B 127 -8.24 -0.04 10.65
N CYS B 128 -7.27 -0.89 10.33
CA CYS B 128 -7.31 -2.24 10.90
C CYS B 128 -6.16 -2.44 11.89
N HIS B 129 -6.44 -3.15 12.97
CA HIS B 129 -5.57 -3.26 14.13
C HIS B 129 -5.22 -4.70 14.50
N HIS B 130 -6.18 -5.63 14.39
CA HIS B 130 -6.18 -6.87 15.17
C HIS B 130 -6.43 -8.09 14.29
N PRO B 131 -5.38 -8.62 13.65
CA PRO B 131 -5.52 -9.84 12.85
C PRO B 131 -5.41 -11.11 13.68
N HIS B 132 -6.30 -12.07 13.45
CA HIS B 132 -6.32 -13.33 14.19
C HIS B 132 -6.70 -14.50 13.30
N ILE B 133 -6.11 -15.65 13.59
CA ILE B 133 -6.24 -16.85 12.77
C ILE B 133 -7.21 -17.82 13.43
N SER B 134 -8.11 -18.39 12.64
CA SER B 134 -9.11 -19.31 13.18
C SER B 134 -8.46 -20.53 13.83
N MET B 135 -9.15 -21.09 14.81
CA MET B 135 -8.59 -22.14 15.66
C MET B 135 -9.55 -23.32 15.78
N THR B 136 -8.97 -24.49 15.97
CA THR B 136 -9.72 -25.70 16.29
C THR B 136 -9.05 -26.31 17.49
N ASP B 137 -9.81 -26.47 18.57
CA ASP B 137 -9.31 -27.02 19.82
C ASP B 137 -8.08 -26.27 20.32
N GLY B 138 -8.12 -24.94 20.24
CA GLY B 138 -7.06 -24.15 20.83
C GLY B 138 -5.75 -24.14 20.08
N LYS B 139 -5.76 -24.53 18.80
CA LYS B 139 -4.60 -24.48 17.92
C LYS B 139 -5.02 -23.87 16.60
N TYR B 140 -4.10 -23.13 15.95
CA TYR B 140 -4.42 -22.56 14.64
C TYR B 140 -4.75 -23.66 13.65
N ASP B 141 -5.81 -23.48 12.86
CA ASP B 141 -6.15 -24.44 11.80
C ASP B 141 -5.90 -23.90 10.41
N GLY B 142 -5.54 -22.63 10.28
CA GLY B 142 -5.09 -22.09 9.01
C GLY B 142 -6.16 -21.86 7.98
N LYS B 143 -7.43 -21.82 8.39
CA LYS B 143 -8.49 -21.62 7.42
C LYS B 143 -8.70 -20.14 7.12
N TYR B 144 -8.89 -19.33 8.16
CA TYR B 144 -9.28 -17.94 8.01
C TYR B 144 -8.41 -17.03 8.86
N LEU B 145 -8.25 -15.80 8.38
CA LEU B 145 -7.78 -14.68 9.20
C LEU B 145 -8.90 -13.64 9.24
N PHE B 146 -9.19 -13.12 10.42
CA PHE B 146 -10.18 -12.07 10.55
C PHE B 146 -9.48 -10.81 11.03
N ILE B 147 -10.06 -9.65 10.69
CA ILE B 147 -9.49 -8.38 11.10
C ILE B 147 -10.58 -7.30 11.15
N ASN B 148 -10.35 -6.29 11.97
CA ASN B 148 -11.31 -5.22 12.23
C ASN B 148 -11.11 -4.04 11.31
N ASP B 149 -12.14 -3.19 11.22
CA ASP B 149 -12.04 -1.86 10.63
C ASP B 149 -12.65 -0.85 11.59
N LYS B 150 -11.80 -0.04 12.25
CA LYS B 150 -12.30 0.95 13.19
C LYS B 150 -12.93 2.14 12.48
N ALA B 151 -12.49 2.42 11.25
CA ALA B 151 -12.93 3.64 10.56
C ALA B 151 -14.37 3.52 10.09
N ASN B 152 -14.74 2.39 9.47
CA ASN B 152 -16.09 2.24 8.94
C ASN B 152 -16.80 1.02 9.50
N SER B 153 -16.40 0.60 10.71
CA SER B 153 -17.14 -0.33 11.56
C SER B 153 -17.40 -1.68 10.87
N ARG B 154 -16.31 -2.33 10.45
CA ARG B 154 -16.46 -3.57 9.73
C ARG B 154 -15.59 -4.65 10.36
N VAL B 155 -15.93 -5.88 10.00
CA VAL B 155 -15.08 -7.05 10.19
C VAL B 155 -14.90 -7.68 8.82
N ALA B 156 -13.68 -8.08 8.50
CA ALA B 156 -13.39 -8.76 7.24
C ALA B 156 -12.81 -10.13 7.51
N ARG B 157 -13.08 -11.07 6.60
CA ARG B 157 -12.51 -12.41 6.65
C ARG B 157 -11.63 -12.62 5.42
N ILE B 158 -10.44 -13.17 5.66
CA ILE B 158 -9.49 -13.52 4.61
C ILE B 158 -9.36 -15.05 4.55
N ARG B 159 -9.48 -15.62 3.35
CA ARG B 159 -9.24 -17.05 3.15
C ARG B 159 -7.76 -17.28 2.95
N LEU B 160 -7.16 -18.07 3.85
CA LEU B 160 -5.72 -18.22 3.84
C LEU B 160 -5.22 -19.15 2.73
N ASP B 161 -6.10 -19.87 2.04
CA ASP B 161 -5.65 -20.68 0.90
C ASP B 161 -5.43 -19.83 -0.36
N ILE B 162 -6.28 -18.83 -0.60
CA ILE B 162 -6.09 -17.94 -1.75
C ILE B 162 -5.47 -16.60 -1.35
N MET B 163 -5.26 -16.34 -0.06
CA MET B 163 -4.75 -15.06 0.46
C MET B 163 -5.52 -13.86 -0.12
N LYS B 164 -6.85 -13.89 0.02
CA LYS B 164 -7.72 -12.78 -0.38
C LYS B 164 -8.82 -12.65 0.67
N CYS B 165 -9.32 -11.43 0.83
CA CYS B 165 -10.53 -11.19 1.58
C CYS B 165 -11.69 -11.81 0.80
N ASP B 166 -12.45 -12.71 1.43
CA ASP B 166 -13.62 -13.31 0.76
C ASP B 166 -14.96 -12.90 1.34
N LYS B 167 -14.99 -12.22 2.50
CA LYS B 167 -16.23 -11.83 3.15
C LYS B 167 -15.98 -10.58 3.97
N MET B 168 -17.01 -9.73 4.06
CA MET B 168 -16.92 -8.50 4.82
C MET B 168 -18.30 -8.16 5.34
N ILE B 169 -18.36 -7.64 6.56
CA ILE B 169 -19.64 -7.28 7.14
C ILE B 169 -19.49 -5.93 7.81
N THR B 170 -20.50 -5.07 7.63
CA THR B 170 -20.62 -3.85 8.41
C THR B 170 -21.45 -4.18 9.64
N VAL B 171 -20.87 -4.01 10.83
CA VAL B 171 -21.57 -4.39 12.06
C VAL B 171 -22.70 -3.39 12.31
N PRO B 172 -23.94 -3.85 12.45
CA PRO B 172 -25.07 -2.93 12.55
C PRO B 172 -25.15 -2.26 13.92
N ASN B 173 -25.61 -1.02 13.91
CA ASN B 173 -26.02 -0.25 15.10
C ASN B 173 -24.88 0.03 16.05
N VAL B 174 -23.67 0.22 15.53
CA VAL B 174 -22.48 0.48 16.34
C VAL B 174 -21.57 1.44 15.57
N GLN B 175 -20.59 1.99 16.27
CA GLN B 175 -19.56 2.79 15.63
C GLN B 175 -18.22 2.32 16.15
N ALA B 176 -17.33 1.98 15.21
CA ALA B 176 -15.89 1.77 15.39
C ALA B 176 -15.57 0.39 15.93
N ILE B 177 -15.30 -0.58 15.06
CA ILE B 177 -14.90 -1.90 15.51
C ILE B 177 -13.40 -1.87 15.81
N HIS B 178 -13.05 -2.10 17.08
CA HIS B 178 -11.66 -1.98 17.48
C HIS B 178 -11.17 -3.34 17.93
N GLY B 179 -11.27 -3.68 19.21
CA GLY B 179 -10.94 -5.02 19.68
C GLY B 179 -11.58 -6.13 18.87
N LEU B 180 -10.81 -7.18 18.57
CA LEU B 180 -11.30 -8.35 17.87
C LEU B 180 -10.45 -9.54 18.27
N ARG B 181 -11.10 -10.65 18.63
CA ARG B 181 -10.40 -11.92 18.80
C ARG B 181 -11.40 -13.05 18.60
N LEU B 182 -10.88 -14.27 18.54
CA LEU B 182 -11.64 -15.43 18.10
C LEU B 182 -11.85 -16.41 19.24
N GLN B 183 -13.02 -17.05 19.26
CA GLN B 183 -13.22 -18.23 20.10
C GLN B 183 -12.12 -19.26 19.81
N LYS B 184 -11.63 -19.90 20.87
CA LYS B 184 -10.57 -20.89 20.72
C LYS B 184 -11.08 -22.33 20.76
N VAL B 185 -12.13 -22.59 21.54
CA VAL B 185 -12.55 -23.95 21.86
C VAL B 185 -14.07 -24.00 21.81
N PRO B 186 -14.67 -25.06 21.22
CA PRO B 186 -13.97 -26.19 20.59
C PRO B 186 -13.30 -25.83 19.25
N HIS B 187 -13.71 -24.71 18.68
CA HIS B 187 -13.15 -24.14 17.45
C HIS B 187 -13.66 -22.70 17.37
N THR B 188 -13.24 -21.98 16.32
CA THR B 188 -13.69 -20.61 16.13
C THR B 188 -15.11 -20.63 15.57
N LYS B 189 -16.09 -20.76 16.46
CA LYS B 189 -17.46 -20.55 16.02
C LYS B 189 -17.78 -19.07 15.87
N TYR B 190 -17.37 -18.27 16.86
CA TYR B 190 -17.62 -16.83 16.88
C TYR B 190 -16.33 -16.04 16.70
N VAL B 191 -16.48 -14.95 15.95
CA VAL B 191 -15.56 -13.81 15.97
C VAL B 191 -16.14 -12.82 16.96
N PHE B 192 -15.35 -12.46 17.98
CA PHE B 192 -15.76 -11.48 18.98
C PHE B 192 -15.15 -10.13 18.64
N ALA B 193 -15.99 -9.09 18.64
CA ALA B 193 -15.57 -7.77 18.18
C ALA B 193 -16.19 -6.67 19.04
N ASN B 194 -15.35 -5.75 19.49
CA ASN B 194 -15.75 -4.63 20.34
C ASN B 194 -16.14 -3.44 19.49
N ALA B 195 -17.28 -2.82 19.79
CA ALA B 195 -17.54 -1.47 19.26
C ALA B 195 -17.14 -0.45 20.33
N GLU B 196 -16.28 0.47 19.96
CA GLU B 196 -15.59 1.24 20.99
C GLU B 196 -16.36 2.45 21.51
N PHE B 197 -17.22 3.07 20.70
CA PHE B 197 -17.78 4.37 21.03
C PHE B 197 -19.27 4.25 21.40
N ILE B 198 -19.65 4.91 22.49
CA ILE B 198 -21.04 4.98 22.93
C ILE B 198 -21.84 5.87 21.97
N ILE B 199 -23.00 5.38 21.52
CA ILE B 199 -23.86 6.17 20.62
C ILE B 199 -25.32 6.05 21.04
N PRO B 200 -26.18 6.97 20.59
CA PRO B 200 -27.61 6.86 20.89
C PRO B 200 -28.27 5.74 20.10
N HIS B 201 -29.34 5.18 20.68
CA HIS B 201 -30.16 4.16 20.02
C HIS B 201 -31.61 4.55 20.21
N PRO B 202 -32.32 4.99 19.17
CA PRO B 202 -31.76 5.14 17.83
C PRO B 202 -30.86 6.37 17.71
N ASN B 203 -29.97 6.36 16.74
CA ASN B 203 -29.07 7.48 16.51
C ASN B 203 -29.65 8.32 15.36
N ASP B 204 -30.81 8.90 15.63
CA ASP B 204 -31.60 9.61 14.61
C ASP B 204 -31.46 11.12 14.72
N GLY B 205 -30.66 11.62 15.66
CA GLY B 205 -30.41 13.03 15.78
C GLY B 205 -31.32 13.76 16.71
N LYS B 206 -32.18 13.06 17.46
CA LYS B 206 -32.97 13.70 18.50
C LYS B 206 -32.24 13.75 19.85
N VAL B 207 -31.51 12.69 20.20
CA VAL B 207 -30.76 12.61 21.45
C VAL B 207 -29.28 12.49 21.10
N PHE B 208 -28.44 13.32 21.73
CA PHE B 208 -27.00 13.22 21.58
C PHE B 208 -26.29 12.85 22.87
N ASP B 209 -26.97 12.88 24.01
CA ASP B 209 -26.32 12.73 25.31
C ASP B 209 -25.87 11.29 25.54
N LEU B 210 -24.57 11.12 25.85
CA LEU B 210 -24.04 9.79 26.16
C LEU B 210 -24.60 9.20 27.46
N GLN B 211 -25.19 10.02 28.34
CA GLN B 211 -25.76 9.55 29.60
C GLN B 211 -27.24 9.17 29.50
N ASP B 212 -27.88 9.40 28.35
CA ASP B 212 -29.23 8.90 28.15
C ASP B 212 -29.29 7.38 28.35
N GLU B 213 -30.43 6.89 28.83
CA GLU B 213 -30.54 5.46 29.13
C GLU B 213 -30.45 4.59 27.88
N ASN B 214 -30.60 5.18 26.69
CA ASN B 214 -30.49 4.44 25.44
C ASN B 214 -29.20 4.75 24.69
N SER B 215 -28.23 5.42 25.32
CA SER B 215 -26.90 5.58 24.78
C SER B 215 -25.98 4.51 25.35
N TYR B 216 -25.33 3.75 24.47
CA TYR B 216 -24.50 2.65 24.90
C TYR B 216 -23.70 2.16 23.70
N THR B 217 -22.74 1.29 23.95
CA THR B 217 -22.14 0.47 22.90
C THR B 217 -22.42 -1.00 23.21
N MET B 218 -21.97 -1.88 22.31
CA MET B 218 -22.33 -3.29 22.36
C MET B 218 -21.14 -4.16 22.00
N TYR B 219 -21.08 -5.33 22.62
CA TYR B 219 -20.18 -6.41 22.24
C TYR B 219 -20.81 -7.21 21.11
N ASN B 220 -20.00 -7.63 20.14
CA ASN B 220 -20.52 -8.19 18.91
C ASN B 220 -19.93 -9.57 18.67
N ALA B 221 -20.78 -10.53 18.35
CA ALA B 221 -20.34 -11.85 17.94
C ALA B 221 -20.82 -12.13 16.53
N ILE B 222 -19.90 -12.50 15.67
CA ILE B 222 -20.18 -12.80 14.28
C ILE B 222 -19.97 -14.27 14.08
N ASP B 223 -20.88 -14.93 13.37
CA ASP B 223 -20.66 -16.31 12.96
C ASP B 223 -19.48 -16.37 11.99
N ALA B 224 -18.39 -17.06 12.40
CA ALA B 224 -17.17 -17.05 11.61
C ALA B 224 -17.36 -17.70 10.24
N GLU B 225 -18.19 -18.74 10.16
CA GLU B 225 -18.32 -19.46 8.89
C GLU B 225 -19.26 -18.75 7.92
N THR B 226 -20.33 -18.15 8.43
CA THR B 226 -21.28 -17.49 7.55
C THR B 226 -21.00 -16.00 7.39
N MET B 227 -20.21 -15.40 8.30
CA MET B 227 -19.94 -13.97 8.33
C MET B 227 -21.23 -13.13 8.37
N GLU B 228 -22.26 -13.65 9.05
CA GLU B 228 -23.43 -12.90 9.49
C GLU B 228 -23.36 -12.68 11.00
N MET B 229 -24.06 -11.63 11.47
CA MET B 229 -24.13 -11.38 12.91
C MET B 229 -24.77 -12.57 13.64
N ALA B 230 -24.24 -12.91 14.81
CA ALA B 230 -24.85 -13.94 15.65
C ALA B 230 -25.62 -13.34 16.82
N PHE B 231 -25.03 -12.37 17.52
CA PHE B 231 -25.74 -11.66 18.58
C PHE B 231 -24.92 -10.44 18.93
N GLN B 232 -25.52 -9.57 19.74
CA GLN B 232 -24.86 -8.41 20.31
C GLN B 232 -25.31 -8.25 21.76
N VAL B 233 -24.39 -7.83 22.63
CA VAL B 233 -24.63 -7.71 24.07
C VAL B 233 -24.39 -6.26 24.46
N ILE B 234 -25.46 -5.57 24.90
CA ILE B 234 -25.29 -4.22 25.41
C ILE B 234 -24.46 -4.27 26.69
N VAL B 235 -23.52 -3.34 26.82
CA VAL B 235 -22.69 -3.26 28.01
C VAL B 235 -22.79 -1.86 28.59
N ASP B 236 -22.42 -1.75 29.88
CA ASP B 236 -22.12 -0.47 30.48
C ASP B 236 -20.74 0.01 29.98
N GLY B 237 -20.49 1.31 30.11
CA GLY B 237 -19.17 1.77 29.74
C GLY B 237 -18.91 1.59 28.25
N ASN B 238 -17.68 1.24 27.92
CA ASN B 238 -17.32 1.03 26.52
C ASN B 238 -16.45 -0.23 26.41
N LEU B 239 -15.82 -0.40 25.26
CA LEU B 239 -15.09 -1.64 24.95
C LEU B 239 -13.78 -1.28 24.28
N ASP B 240 -12.69 -1.91 24.72
CA ASP B 240 -11.39 -1.63 24.17
C ASP B 240 -10.86 -2.88 23.46
N ASN B 241 -10.18 -3.79 24.18
CA ASN B 241 -9.69 -5.04 23.61
C ASN B 241 -10.44 -6.23 24.21
N THR B 242 -10.27 -7.41 23.59
CA THR B 242 -11.02 -8.60 24.04
C THR B 242 -10.24 -9.88 23.76
N ASP B 243 -10.51 -10.91 24.56
CA ASP B 243 -10.01 -12.25 24.29
C ASP B 243 -11.00 -13.29 24.80
N ALA B 244 -10.72 -14.56 24.51
CA ALA B 244 -11.61 -15.67 24.83
C ALA B 244 -10.84 -16.72 25.64
N ASP B 245 -11.57 -17.57 26.37
CA ASP B 245 -10.95 -18.61 27.19
C ASP B 245 -10.64 -19.84 26.32
N TYR B 246 -10.25 -20.94 26.97
CA TYR B 246 -10.01 -22.21 26.28
C TYR B 246 -11.11 -23.22 26.57
N THR B 247 -12.33 -22.74 26.81
CA THR B 247 -13.49 -23.62 26.96
C THR B 247 -14.67 -23.28 26.05
N GLY B 248 -14.79 -22.06 25.55
CA GLY B 248 -15.95 -21.64 24.80
C GLY B 248 -17.02 -20.97 25.65
N ARG B 249 -16.91 -21.07 26.96
CA ARG B 249 -17.94 -20.45 27.79
C ARG B 249 -17.71 -18.95 27.95
N PHE B 250 -16.47 -18.51 28.13
CA PHE B 250 -16.22 -17.14 28.60
C PHE B 250 -15.43 -16.34 27.56
N ALA B 251 -15.82 -15.07 27.40
CA ALA B 251 -15.00 -14.05 26.75
C ALA B 251 -14.89 -12.87 27.70
N ALA B 252 -13.97 -11.95 27.39
CA ALA B 252 -13.69 -10.88 28.33
C ALA B 252 -13.22 -9.68 27.54
N ALA B 253 -13.59 -8.47 28.00
CA ALA B 253 -13.16 -7.26 27.31
C ALA B 253 -12.77 -6.19 28.33
N THR B 254 -11.76 -5.40 28.00
CA THR B 254 -11.44 -4.25 28.81
C THR B 254 -12.38 -3.11 28.48
N CYS B 255 -12.61 -2.24 29.46
CA CYS B 255 -13.33 -1.00 29.26
C CYS B 255 -12.51 0.16 29.82
N TYR B 256 -12.41 1.28 29.08
CA TYR B 256 -11.71 2.45 29.62
C TYR B 256 -12.62 3.63 29.91
N ASN B 257 -13.87 3.59 29.47
CA ASN B 257 -14.79 4.71 29.63
C ASN B 257 -15.99 4.31 30.46
N SER B 258 -15.77 3.77 31.67
CA SER B 258 -16.90 3.46 32.54
C SER B 258 -17.68 4.73 32.88
N GLU B 259 -17.05 5.89 32.72
CA GLU B 259 -17.65 7.18 33.03
C GLU B 259 -18.69 7.60 32.00
N LYS B 260 -18.71 6.97 30.83
CA LYS B 260 -19.52 7.40 29.68
C LYS B 260 -19.32 8.89 29.39
N ALA B 261 -18.06 9.32 29.39
CA ALA B 261 -17.70 10.71 29.13
C ALA B 261 -17.22 10.90 27.70
N PHE B 262 -17.16 12.16 27.26
CA PHE B 262 -16.66 12.48 25.94
C PHE B 262 -15.39 13.33 25.97
N ASP B 263 -14.97 13.78 27.15
CA ASP B 263 -13.78 14.60 27.30
C ASP B 263 -12.65 13.78 27.93
N LEU B 264 -11.42 14.31 27.80
CA LEU B 264 -10.26 13.61 28.32
C LEU B 264 -10.34 13.40 29.83
N GLY B 265 -10.52 14.49 30.60
CA GLY B 265 -10.62 14.36 32.05
C GLY B 265 -11.74 13.44 32.49
N GLY B 266 -12.89 13.51 31.82
CA GLY B 266 -14.02 12.69 32.23
C GLY B 266 -13.73 11.20 32.12
N MET B 267 -13.09 10.78 31.02
CA MET B 267 -12.76 9.37 30.79
C MET B 267 -11.71 8.84 31.74
N MET B 268 -11.00 9.72 32.45
CA MET B 268 -9.94 9.34 33.39
C MET B 268 -10.37 9.45 34.85
N ARG B 269 -11.64 9.78 35.11
CA ARG B 269 -12.05 10.09 36.47
C ARG B 269 -11.95 8.87 37.38
N ASN B 270 -12.61 7.77 37.01
CA ASN B 270 -12.70 6.59 37.87
C ASN B 270 -11.34 5.96 38.13
N GLU B 271 -11.07 5.62 39.40
CA GLU B 271 -9.81 4.96 39.72
C GLU B 271 -9.71 3.60 39.06
N ARG B 272 -10.83 2.89 38.93
CA ARG B 272 -10.90 1.64 38.19
C ARG B 272 -12.05 1.69 37.20
N ASP B 273 -11.77 1.19 35.99
CA ASP B 273 -12.83 0.82 35.09
C ASP B 273 -13.07 -0.68 35.34
N TRP B 274 -12.97 -1.52 34.32
CA TRP B 274 -13.18 -2.94 34.58
C TRP B 274 -12.77 -3.76 33.35
N VAL B 275 -12.74 -5.08 33.52
CA VAL B 275 -12.94 -5.97 32.39
C VAL B 275 -14.30 -6.64 32.58
N VAL B 276 -15.11 -6.56 31.53
CA VAL B 276 -16.42 -7.19 31.53
C VAL B 276 -16.24 -8.61 31.02
N VAL B 277 -16.80 -9.58 31.75
CA VAL B 277 -16.72 -11.00 31.38
C VAL B 277 -18.10 -11.41 30.87
N PHE B 278 -18.11 -12.12 29.75
CA PHE B 278 -19.34 -12.58 29.10
C PHE B 278 -19.51 -14.08 29.32
N ASP B 279 -20.69 -14.49 29.79
CA ASP B 279 -21.07 -15.90 29.81
C ASP B 279 -21.74 -16.21 28.49
N ILE B 280 -20.98 -16.74 27.54
CA ILE B 280 -21.51 -16.99 26.20
C ILE B 280 -22.59 -18.08 26.24
N HIS B 281 -22.46 -19.07 27.12
CA HIS B 281 -23.50 -20.09 27.23
C HIS B 281 -24.82 -19.48 27.66
N ALA B 282 -24.77 -18.52 28.60
CA ALA B 282 -25.99 -17.82 29.00
C ALA B 282 -26.56 -17.02 27.84
N VAL B 283 -25.68 -16.36 27.08
CA VAL B 283 -26.11 -15.55 25.93
C VAL B 283 -26.82 -16.44 24.91
N GLU B 284 -26.19 -17.56 24.53
CA GLU B 284 -26.81 -18.49 23.59
C GLU B 284 -28.13 -19.03 24.12
N ALA B 285 -28.21 -19.31 25.42
CA ALA B 285 -29.45 -19.85 25.97
C ALA B 285 -30.58 -18.83 25.87
N ALA B 286 -30.27 -17.55 26.07
CA ALA B 286 -31.30 -16.53 25.93
C ALA B 286 -31.73 -16.38 24.47
N VAL B 287 -30.80 -16.57 23.55
CA VAL B 287 -31.16 -16.47 22.13
C VAL B 287 -32.10 -17.61 21.75
N LYS B 288 -31.75 -18.84 22.13
CA LYS B 288 -32.61 -19.98 21.84
C LYS B 288 -33.99 -19.82 22.49
N ALA B 289 -34.07 -19.11 23.62
CA ALA B 289 -35.36 -18.90 24.26
C ALA B 289 -36.17 -17.79 23.61
N GLY B 290 -35.59 -17.06 22.67
CA GLY B 290 -36.23 -15.88 22.12
C GLY B 290 -36.23 -14.71 23.06
N ASP B 291 -35.44 -14.79 24.14
CA ASP B 291 -35.35 -13.72 25.13
C ASP B 291 -34.36 -12.68 24.64
N PHE B 292 -34.79 -11.90 23.65
CA PHE B 292 -33.96 -10.81 23.14
C PHE B 292 -34.84 -9.79 22.43
N ILE B 293 -34.22 -8.68 22.06
CA ILE B 293 -34.84 -7.61 21.28
C ILE B 293 -34.01 -7.42 20.02
N THR B 294 -34.50 -6.57 19.14
CA THR B 294 -33.74 -6.15 17.97
C THR B 294 -33.79 -4.63 17.84
N LEU B 295 -32.75 -4.09 17.24
CA LEU B 295 -32.56 -2.65 17.09
C LEU B 295 -32.71 -2.25 15.64
N GLY B 296 -33.48 -1.20 15.38
CA GLY B 296 -33.58 -0.67 14.03
C GLY B 296 -34.03 -1.74 13.06
N ASP B 297 -33.40 -1.75 11.89
CA ASP B 297 -33.77 -2.70 10.85
C ASP B 297 -32.95 -3.99 10.91
N SER B 298 -32.13 -4.17 11.94
CA SER B 298 -31.30 -5.35 12.05
C SER B 298 -32.05 -6.45 12.80
N LYS B 299 -32.02 -7.65 12.26
CA LYS B 299 -32.65 -8.77 12.95
C LYS B 299 -31.71 -9.44 13.95
N THR B 300 -30.48 -8.93 14.08
CA THR B 300 -29.52 -9.46 15.05
C THR B 300 -30.13 -9.50 16.45
N PRO B 301 -30.09 -10.66 17.14
CA PRO B 301 -30.54 -10.70 18.54
C PRO B 301 -29.69 -9.80 19.41
N VAL B 302 -30.33 -8.98 20.22
CA VAL B 302 -29.64 -8.05 21.11
C VAL B 302 -30.00 -8.40 22.56
N LEU B 303 -28.98 -8.68 23.37
CA LEU B 303 -29.15 -9.01 24.78
C LEU B 303 -28.60 -7.89 25.64
N ASP B 304 -29.21 -7.67 26.81
CA ASP B 304 -28.82 -6.55 27.67
C ASP B 304 -27.90 -7.03 28.78
N GLY B 305 -26.63 -6.65 28.68
CA GLY B 305 -25.63 -6.98 29.67
C GLY B 305 -25.29 -5.86 30.63
N ARG B 306 -26.11 -4.82 30.69
CA ARG B 306 -25.92 -3.78 31.68
C ARG B 306 -26.36 -4.25 33.06
N LYS B 307 -25.75 -3.65 34.09
CA LYS B 307 -26.31 -3.73 35.44
C LYS B 307 -27.55 -2.85 35.50
N LYS B 308 -28.57 -3.30 36.22
CA LYS B 308 -29.75 -2.48 36.47
C LYS B 308 -29.89 -2.34 37.97
N ASP B 309 -29.71 -1.11 38.47
CA ASP B 309 -29.77 -0.81 39.90
C ASP B 309 -28.84 -1.71 40.69
N GLY B 310 -27.62 -1.91 40.18
CA GLY B 310 -26.62 -2.72 40.84
C GLY B 310 -26.79 -4.22 40.68
N LYS B 311 -27.93 -4.69 40.17
CA LYS B 311 -28.16 -6.12 39.97
C LYS B 311 -27.56 -6.55 38.64
N ASP B 312 -26.74 -7.60 38.68
CA ASP B 312 -26.02 -8.06 37.50
C ASP B 312 -26.96 -8.70 36.50
N SER B 313 -26.60 -8.59 35.23
CA SER B 313 -27.20 -9.34 34.15
C SER B 313 -26.85 -10.82 34.27
N LYS B 314 -27.69 -11.67 33.65
CA LYS B 314 -27.30 -13.08 33.46
C LYS B 314 -26.05 -13.22 32.58
N PHE B 315 -25.79 -12.25 31.71
CA PHE B 315 -24.80 -12.42 30.66
C PHE B 315 -23.42 -11.89 30.98
N THR B 316 -23.28 -11.06 32.02
CA THR B 316 -22.02 -10.34 32.23
C THR B 316 -21.71 -10.26 33.71
N ARG B 317 -20.41 -10.08 33.98
CA ARG B 317 -19.94 -9.63 35.29
C ARG B 317 -18.84 -8.60 35.04
N TYR B 318 -18.72 -7.64 35.95
CA TYR B 318 -17.79 -6.52 35.83
C TYR B 318 -16.74 -6.62 36.93
N VAL B 319 -15.50 -6.90 36.55
CA VAL B 319 -14.40 -7.03 37.50
C VAL B 319 -13.66 -5.70 37.53
N PRO B 320 -13.67 -4.96 38.64
CA PRO B 320 -12.98 -3.66 38.68
C PRO B 320 -11.48 -3.82 38.48
N VAL B 321 -10.94 -3.04 37.54
CA VAL B 321 -9.53 -3.09 37.14
C VAL B 321 -9.02 -1.69 36.84
N PRO B 322 -7.92 -1.26 37.45
CA PRO B 322 -7.33 0.04 37.09
C PRO B 322 -6.42 -0.08 35.86
N LYS B 323 -6.35 1.00 35.06
CA LYS B 323 -7.17 2.22 35.10
C LYS B 323 -7.12 2.74 33.67
N ASN B 324 -8.27 2.84 33.02
CA ASN B 324 -8.36 2.85 31.58
C ASN B 324 -7.57 1.66 31.04
N PRO B 325 -7.81 0.43 31.51
CA PRO B 325 -7.01 -0.71 31.08
C PRO B 325 -7.19 -1.00 29.60
N HIS B 326 -6.18 -1.64 29.00
CA HIS B 326 -6.11 -1.66 27.56
C HIS B 326 -6.08 -3.08 27.01
N GLY B 327 -4.90 -3.70 26.99
CA GLY B 327 -4.80 -5.06 26.49
C GLY B 327 -5.58 -6.05 27.32
N CYS B 328 -6.06 -7.11 26.67
CA CYS B 328 -6.85 -8.15 27.32
C CYS B 328 -6.40 -9.45 26.68
N ASN B 329 -5.59 -10.24 27.38
CA ASN B 329 -4.82 -11.34 26.77
C ASN B 329 -4.98 -12.64 27.55
N THR B 330 -5.47 -13.68 26.89
CA THR B 330 -5.61 -14.99 27.51
C THR B 330 -4.28 -15.73 27.52
N SER B 331 -3.82 -16.13 28.70
CA SER B 331 -2.58 -16.91 28.80
C SER B 331 -2.73 -18.24 28.05
N SER B 332 -1.62 -18.73 27.49
CA SER B 332 -1.68 -19.90 26.62
C SER B 332 -1.99 -21.19 27.38
N ASP B 333 -1.80 -21.22 28.70
CA ASP B 333 -2.24 -22.35 29.49
C ASP B 333 -3.71 -22.25 29.90
N GLY B 334 -4.42 -21.22 29.45
CA GLY B 334 -5.84 -21.04 29.72
C GLY B 334 -6.16 -20.58 31.12
N LYS B 335 -5.17 -20.26 31.94
CA LYS B 335 -5.44 -19.95 33.33
C LYS B 335 -5.98 -18.55 33.54
N TYR B 336 -5.58 -17.57 32.72
CA TYR B 336 -5.81 -16.18 33.06
C TYR B 336 -6.26 -15.34 31.87
N PHE B 337 -7.23 -14.46 32.13
CA PHE B 337 -7.32 -13.21 31.38
C PHE B 337 -6.39 -12.19 32.03
N ILE B 338 -5.50 -11.60 31.24
CA ILE B 338 -4.54 -10.62 31.78
C ILE B 338 -4.83 -9.26 31.14
N ALA B 339 -5.24 -8.30 31.97
CA ALA B 339 -5.58 -6.96 31.52
C ALA B 339 -4.42 -6.02 31.84
N ALA B 340 -4.00 -5.22 30.86
CA ALA B 340 -2.91 -4.29 31.06
C ALA B 340 -3.45 -2.96 31.59
N GLY B 341 -2.85 -2.46 32.68
CA GLY B 341 -3.42 -1.37 33.45
C GLY B 341 -3.27 0.01 32.84
N LYS B 342 -2.43 0.17 31.81
CA LYS B 342 -2.15 1.43 31.09
C LYS B 342 -1.86 2.58 32.05
N LEU B 343 -2.89 3.34 32.45
CA LEU B 343 -2.64 4.44 33.38
C LEU B 343 -2.26 3.96 34.76
N SER B 344 -2.51 2.69 35.07
CA SER B 344 -2.03 2.02 36.28
C SER B 344 -0.81 1.18 35.96
N PRO B 345 0.26 1.22 36.79
CA PRO B 345 1.53 0.60 36.40
C PRO B 345 1.54 -0.91 36.59
N THR B 346 0.45 -1.57 36.19
CA THR B 346 0.19 -2.94 36.59
C THR B 346 -0.48 -3.71 35.45
N CYS B 347 -0.58 -5.01 35.66
CA CYS B 347 -1.54 -5.86 34.99
C CYS B 347 -2.38 -6.52 36.08
N SER B 348 -3.62 -6.87 35.76
CA SER B 348 -4.49 -7.60 36.67
C SER B 348 -4.74 -8.97 36.07
N MET B 349 -4.51 -10.02 36.86
CA MET B 349 -4.67 -11.40 36.43
C MET B 349 -6.01 -11.93 36.95
N ILE B 350 -6.93 -12.22 36.03
CA ILE B 350 -8.22 -12.80 36.36
C ILE B 350 -8.13 -14.32 36.21
N ALA B 351 -8.43 -15.05 37.29
CA ALA B 351 -8.41 -16.53 37.26
C ALA B 351 -9.66 -17.03 36.55
N ILE B 352 -9.48 -17.59 35.33
CA ILE B 352 -10.63 -18.08 34.58
C ILE B 352 -11.34 -19.21 35.31
N ASP B 353 -10.61 -20.03 36.07
CA ASP B 353 -11.28 -21.11 36.80
C ASP B 353 -12.14 -20.62 37.96
N LYS B 354 -12.05 -19.34 38.33
CA LYS B 354 -12.93 -18.78 39.35
C LYS B 354 -14.19 -18.15 38.75
N LEU B 355 -14.27 -18.03 37.43
CA LEU B 355 -15.41 -17.40 36.78
C LEU B 355 -16.74 -18.16 36.93
N PRO B 356 -16.77 -19.50 36.85
CA PRO B 356 -18.05 -20.19 37.14
C PRO B 356 -18.63 -19.82 38.50
N ASP B 357 -17.80 -19.87 39.55
CA ASP B 357 -18.24 -19.47 40.88
C ASP B 357 -18.69 -18.01 40.92
N LEU B 358 -17.98 -17.13 40.21
CA LEU B 358 -18.34 -15.72 40.18
C LEU B 358 -19.75 -15.52 39.61
N PHE B 359 -20.02 -16.19 38.48
CA PHE B 359 -21.35 -16.09 37.89
C PHE B 359 -22.38 -16.86 38.70
N ALA B 360 -21.95 -17.77 39.56
CA ALA B 360 -22.87 -18.53 40.41
C ALA B 360 -23.08 -17.87 41.77
N GLY B 361 -22.60 -16.65 41.97
CA GLY B 361 -22.80 -16.00 43.25
C GLY B 361 -22.03 -16.64 44.39
N LYS B 362 -21.03 -17.46 44.11
CA LYS B 362 -20.28 -18.08 45.19
C LYS B 362 -19.15 -17.22 45.73
N LEU B 363 -18.85 -16.07 45.09
CA LEU B 363 -17.87 -15.13 45.57
C LEU B 363 -18.55 -13.85 46.02
N ALA B 364 -18.01 -13.22 47.07
CA ALA B 364 -18.64 -12.02 47.64
C ALA B 364 -18.36 -10.77 46.82
N ASP B 365 -17.19 -10.68 46.18
CA ASP B 365 -16.69 -9.47 45.55
C ASP B 365 -16.17 -9.83 44.17
N PRO B 366 -16.56 -9.11 43.11
CA PRO B 366 -15.97 -9.37 41.78
C PRO B 366 -14.45 -9.35 41.77
N ARG B 367 -13.82 -8.53 42.62
CA ARG B 367 -12.36 -8.53 42.75
C ARG B 367 -11.81 -9.87 43.21
N ASP B 368 -12.65 -10.75 43.77
CA ASP B 368 -12.15 -12.05 44.23
C ASP B 368 -11.68 -12.93 43.08
N VAL B 369 -12.06 -12.63 41.83
CA VAL B 369 -11.50 -13.39 40.71
C VAL B 369 -10.11 -12.92 40.32
N ILE B 370 -9.64 -11.79 40.86
CA ILE B 370 -8.28 -11.32 40.63
C ILE B 370 -7.34 -12.08 41.54
N VAL B 371 -6.35 -12.77 40.97
CA VAL B 371 -5.39 -13.53 41.76
C VAL B 371 -3.97 -12.98 41.63
N GLY B 372 -3.78 -11.95 40.83
CA GLY B 372 -2.50 -11.28 40.75
C GLY B 372 -2.66 -9.90 40.19
N GLU B 373 -1.78 -8.99 40.63
CA GLU B 373 -1.73 -7.63 40.09
C GLU B 373 -0.29 -7.14 40.16
N PRO B 374 0.60 -7.71 39.35
CA PRO B 374 2.02 -7.33 39.44
C PRO B 374 2.24 -5.88 39.04
N GLU B 375 3.06 -5.18 39.83
CA GLU B 375 3.57 -3.88 39.42
C GLU B 375 4.74 -4.11 38.47
N LEU B 376 4.65 -3.56 37.25
CA LEU B 376 5.60 -3.86 36.20
C LEU B 376 6.34 -2.64 35.68
N GLY B 377 5.70 -1.49 35.64
CA GLY B 377 6.33 -0.29 35.10
C GLY B 377 5.28 0.63 34.50
N LEU B 378 5.76 1.68 33.84
CA LEU B 378 4.92 2.80 33.41
C LEU B 378 4.29 2.53 32.05
N GLY B 379 2.97 2.53 32.03
CA GLY B 379 2.20 2.33 30.82
C GLY B 379 2.18 0.92 30.26
N PRO B 380 1.78 -0.07 31.06
CA PRO B 380 1.59 -1.42 30.49
C PRO B 380 0.43 -1.41 29.51
N LEU B 381 0.68 -1.92 28.29
CA LEU B 381 -0.33 -1.91 27.23
C LEU B 381 -0.81 -3.30 26.80
N HIS B 382 0.09 -4.27 26.66
CA HIS B 382 -0.28 -5.58 26.10
C HIS B 382 0.64 -6.64 26.68
N THR B 383 0.14 -7.88 26.69
CA THR B 383 0.88 -9.00 27.26
C THR B 383 0.84 -10.19 26.30
N THR B 384 1.95 -10.92 26.22
CA THR B 384 2.00 -12.16 25.44
C THR B 384 2.76 -13.21 26.25
N PHE B 385 2.88 -14.42 25.68
CA PHE B 385 3.23 -15.60 26.47
C PHE B 385 4.22 -16.50 25.75
N ASP B 386 5.19 -17.06 26.48
CA ASP B 386 6.12 -17.96 25.82
C ASP B 386 5.73 -19.42 25.92
N GLY B 387 4.71 -19.74 26.72
CA GLY B 387 4.38 -21.13 26.93
C GLY B 387 5.29 -21.85 27.88
N ARG B 388 6.20 -21.12 28.56
CA ARG B 388 7.00 -21.65 29.64
C ARG B 388 6.58 -21.10 31.00
N GLY B 389 5.43 -20.41 31.06
CA GLY B 389 4.96 -19.82 32.29
C GLY B 389 5.34 -18.37 32.50
N ASN B 390 6.04 -17.76 31.56
CA ASN B 390 6.38 -16.35 31.60
C ASN B 390 5.45 -15.53 30.72
N ALA B 391 5.16 -14.32 31.19
CA ALA B 391 4.44 -13.33 30.40
C ALA B 391 5.40 -12.21 30.00
N TYR B 392 5.10 -11.55 28.88
CA TYR B 392 5.89 -10.44 28.36
C TYR B 392 4.95 -9.29 28.09
N THR B 393 5.22 -8.13 28.69
CA THR B 393 4.31 -6.99 28.62
C THR B 393 5.02 -5.75 28.11
N THR B 394 4.37 -5.02 27.20
CA THR B 394 4.90 -3.74 26.74
C THR B 394 4.65 -2.65 27.76
N LEU B 395 5.67 -1.82 27.98
CA LEU B 395 5.58 -0.63 28.83
C LEU B 395 5.75 0.57 27.90
N PHE B 396 4.64 1.25 27.60
CA PHE B 396 4.68 2.29 26.58
C PHE B 396 5.50 3.49 27.05
N ILE B 397 5.33 3.88 28.30
CA ILE B 397 6.03 5.07 28.79
C ILE B 397 7.49 4.76 29.05
N ASP B 398 7.77 3.70 29.81
CA ASP B 398 9.16 3.30 30.04
C ASP B 398 9.85 2.79 28.77
N SER B 399 9.10 2.51 27.70
CA SER B 399 9.65 2.05 26.41
C SER B 399 10.47 0.76 26.57
N GLN B 400 9.80 -0.27 27.12
CA GLN B 400 10.43 -1.55 27.41
C GLN B 400 9.45 -2.70 27.19
N VAL B 401 10.00 -3.90 27.05
CA VAL B 401 9.27 -5.15 27.22
C VAL B 401 9.74 -5.77 28.53
N VAL B 402 8.81 -6.10 29.42
CA VAL B 402 9.14 -6.67 30.72
C VAL B 402 8.70 -8.14 30.76
N LYS B 403 9.65 -9.02 31.06
CA LYS B 403 9.41 -10.47 31.15
C LYS B 403 9.13 -10.83 32.59
N TRP B 404 8.00 -11.48 32.85
CA TRP B 404 7.69 -11.80 34.24
C TRP B 404 7.02 -13.16 34.34
N ASN B 405 7.20 -13.79 35.50
CA ASN B 405 6.69 -15.13 35.74
C ASN B 405 5.32 -15.06 36.40
N MET B 406 4.31 -15.64 35.73
CA MET B 406 2.92 -15.46 36.15
C MET B 406 2.65 -16.12 37.50
N GLU B 407 3.17 -17.34 37.70
CA GLU B 407 2.87 -18.01 38.97
C GLU B 407 3.53 -17.29 40.14
N GLU B 408 4.74 -16.75 39.95
CA GLU B 408 5.37 -15.98 41.02
C GLU B 408 4.64 -14.66 41.27
N ALA B 409 4.06 -14.07 40.22
CA ALA B 409 3.23 -12.89 40.45
C ALA B 409 2.02 -13.23 41.32
N VAL B 410 1.42 -14.40 41.06
CA VAL B 410 0.24 -14.83 41.82
C VAL B 410 0.61 -15.03 43.30
N ARG B 411 1.78 -15.61 43.57
CA ARG B 411 2.19 -15.78 44.96
C ARG B 411 2.49 -14.44 45.65
N ALA B 412 3.04 -13.48 44.91
CA ALA B 412 3.29 -12.17 45.53
C ALA B 412 1.97 -11.50 45.94
N TYR B 413 0.92 -11.67 45.13
CA TYR B 413 -0.39 -11.14 45.47
C TYR B 413 -0.93 -11.72 46.77
N LYS B 414 -0.50 -12.93 47.13
CA LYS B 414 -0.81 -13.52 48.43
C LYS B 414 0.16 -13.08 49.51
N GLY B 415 0.93 -12.01 49.28
CA GLY B 415 1.86 -11.48 50.26
C GLY B 415 3.24 -12.10 50.26
N GLU B 416 3.41 -13.24 49.60
CA GLU B 416 4.70 -13.93 49.57
C GLU B 416 5.68 -13.07 48.77
N LYS B 417 6.59 -12.39 49.46
CA LYS B 417 7.52 -11.52 48.76
C LYS B 417 8.40 -12.35 47.83
N VAL B 418 8.24 -12.13 46.53
CA VAL B 418 8.96 -12.82 45.47
C VAL B 418 9.18 -11.83 44.34
N ASN B 419 10.30 -11.94 43.63
CA ASN B 419 10.57 -11.07 42.48
C ASN B 419 10.17 -11.81 41.20
N TYR B 420 8.96 -11.52 40.73
CA TYR B 420 8.41 -12.13 39.53
C TYR B 420 8.94 -11.50 38.25
N ILE B 421 9.63 -10.37 38.33
CA ILE B 421 10.16 -9.68 37.16
C ILE B 421 11.52 -10.29 36.82
N LYS B 422 11.67 -10.79 35.60
CA LYS B 422 12.90 -11.48 35.21
C LYS B 422 13.83 -10.63 34.36
N GLN B 423 13.30 -9.71 33.56
CA GLN B 423 14.12 -8.88 32.68
C GLN B 423 13.29 -7.74 32.14
N LYS B 424 13.93 -6.58 31.95
CA LYS B 424 13.36 -5.49 31.19
C LYS B 424 14.27 -5.17 30.02
N LEU B 425 13.74 -5.23 28.81
CA LEU B 425 14.49 -4.96 27.59
C LEU B 425 14.05 -3.63 26.99
N ASP B 426 15.01 -2.74 26.71
CA ASP B 426 14.68 -1.48 26.06
C ASP B 426 14.28 -1.70 24.61
N VAL B 427 13.20 -1.03 24.18
CA VAL B 427 12.76 -1.04 22.80
C VAL B 427 12.60 0.40 22.31
N HIS B 428 12.46 0.56 21.00
CA HIS B 428 12.74 1.85 20.34
C HIS B 428 11.65 2.21 19.31
N TYR B 429 10.64 2.97 19.73
CA TYR B 429 10.40 3.44 21.10
C TYR B 429 8.88 3.48 21.26
N GLN B 430 8.41 3.43 22.51
CA GLN B 430 6.98 3.47 22.83
C GLN B 430 6.24 2.26 22.26
N PRO B 431 6.46 1.06 22.82
CA PRO B 431 5.82 -0.14 22.28
C PRO B 431 4.33 -0.19 22.60
N GLY B 432 3.54 -0.67 21.63
CA GLY B 432 2.12 -0.95 21.79
C GLY B 432 1.83 -2.44 21.94
N HIS B 433 1.40 -3.11 20.88
CA HIS B 433 1.25 -4.56 20.92
C HIS B 433 2.59 -5.27 20.94
N LEU B 434 2.56 -6.51 21.43
CA LEU B 434 3.65 -7.45 21.23
C LEU B 434 3.04 -8.83 21.03
N HIS B 435 3.77 -9.69 20.33
CA HIS B 435 3.23 -10.99 19.95
C HIS B 435 4.33 -12.04 19.98
N ALA B 436 4.14 -13.10 20.76
CA ALA B 436 5.08 -14.22 20.78
C ALA B 436 4.51 -15.34 19.92
N SER B 437 5.39 -16.12 19.30
CA SER B 437 4.91 -17.02 18.25
C SER B 437 4.01 -18.10 18.86
N LEU B 438 2.83 -18.28 18.23
CA LEU B 438 1.77 -19.20 18.65
C LEU B 438 1.19 -18.86 20.02
N CYS B 439 1.36 -17.61 20.48
CA CYS B 439 0.95 -17.21 21.82
C CYS B 439 -0.54 -17.39 22.05
N GLU B 440 -1.35 -17.30 21.00
CA GLU B 440 -2.81 -17.40 21.15
C GLU B 440 -3.33 -18.84 21.15
N THR B 441 -2.43 -19.83 21.20
CA THR B 441 -2.81 -21.24 21.18
C THR B 441 -2.10 -21.98 22.31
N ASN B 442 -2.57 -23.21 22.57
CA ASN B 442 -1.90 -24.02 23.57
C ASN B 442 -0.58 -24.59 23.06
N GLU B 443 -0.18 -24.24 21.83
CA GLU B 443 1.10 -24.61 21.25
C GLU B 443 2.15 -23.51 21.35
N ALA B 444 1.89 -22.46 22.14
CA ALA B 444 2.84 -21.35 22.28
C ALA B 444 4.26 -21.88 22.44
N ASP B 445 5.15 -21.54 21.49
CA ASP B 445 6.43 -22.23 21.39
C ASP B 445 7.62 -21.46 21.96
N GLY B 446 7.44 -20.21 22.38
CA GLY B 446 8.49 -19.49 23.08
C GLY B 446 9.73 -19.18 22.25
N LYS B 447 9.61 -19.09 20.93
CA LYS B 447 10.77 -18.82 20.09
C LYS B 447 10.94 -17.36 19.69
N TRP B 448 9.93 -16.74 19.08
CA TRP B 448 10.06 -15.39 18.54
C TRP B 448 9.07 -14.46 19.23
N LEU B 449 9.48 -13.19 19.38
CA LEU B 449 8.66 -12.13 19.93
C LEU B 449 8.82 -10.90 19.06
N VAL B 450 7.70 -10.30 18.66
CA VAL B 450 7.69 -9.03 17.93
C VAL B 450 7.06 -7.99 18.83
N ALA B 451 7.77 -6.89 19.06
CA ALA B 451 7.23 -5.71 19.74
C ALA B 451 7.04 -4.59 18.71
N LEU B 452 5.82 -4.02 18.66
CA LEU B 452 5.42 -3.09 17.59
C LEU B 452 5.39 -1.69 18.19
N SER B 453 6.44 -0.91 17.92
CA SER B 453 6.67 0.38 18.56
C SER B 453 6.21 1.53 17.64
N LYS B 454 5.77 2.63 18.25
CA LYS B 454 5.04 3.65 17.52
C LYS B 454 5.89 4.86 17.10
N PHE B 455 7.10 5.02 17.65
CA PHE B 455 8.01 6.11 17.30
C PHE B 455 9.36 5.51 16.95
N SER B 456 9.79 5.66 15.71
CA SER B 456 11.08 5.11 15.33
C SER B 456 12.20 6.13 15.49
N LYS B 457 11.86 7.42 15.58
CA LYS B 457 12.83 8.48 15.82
C LYS B 457 14.04 8.34 14.90
N ASP B 458 15.21 8.01 15.45
CA ASP B 458 16.46 7.96 14.70
C ASP B 458 16.91 6.53 14.36
N ARG B 459 16.05 5.54 14.52
CA ARG B 459 16.48 4.17 14.24
C ARG B 459 16.64 3.88 12.76
N PHE B 460 16.12 4.73 11.88
CA PHE B 460 16.19 4.54 10.43
C PHE B 460 16.58 5.85 9.77
N LEU B 461 16.98 5.77 8.50
CA LEU B 461 17.28 6.97 7.73
C LEU B 461 16.08 7.93 7.75
N PRO B 462 16.33 9.24 7.84
CA PRO B 462 15.23 10.23 7.78
C PRO B 462 14.47 10.14 6.47
N VAL B 463 13.15 10.23 6.55
CA VAL B 463 12.35 10.15 5.34
C VAL B 463 11.28 11.25 5.33
N GLY B 464 11.54 12.36 6.00
CA GLY B 464 10.61 13.48 6.06
C GLY B 464 9.81 13.48 7.35
N PRO B 465 8.78 14.35 7.43
CA PRO B 465 8.09 14.50 8.73
C PRO B 465 7.36 13.24 9.19
N LEU B 466 6.83 12.43 8.29
CA LEU B 466 6.18 11.18 8.65
C LEU B 466 7.26 10.09 8.76
N HIS B 467 7.35 9.42 9.95
CA HIS B 467 8.31 8.35 10.21
C HIS B 467 7.67 6.98 10.09
N PRO B 468 8.47 5.95 9.86
CA PRO B 468 7.96 4.57 9.95
C PRO B 468 7.75 4.14 11.39
N GLU B 469 6.97 3.07 11.57
CA GLU B 469 6.93 2.39 12.85
C GLU B 469 8.15 1.47 12.97
N ASN B 470 8.42 0.99 14.18
CA ASN B 470 9.54 0.08 14.42
C ASN B 470 9.02 -1.20 15.06
N ASP B 471 8.91 -2.25 14.25
CA ASP B 471 8.51 -3.57 14.72
C ASP B 471 9.77 -4.40 14.96
N GLN B 472 10.12 -4.60 16.22
CA GLN B 472 11.39 -5.21 16.56
C GLN B 472 11.22 -6.70 16.85
N LEU B 473 12.05 -7.51 16.18
CA LEU B 473 12.10 -8.95 16.41
C LEU B 473 13.04 -9.26 17.57
N ILE B 474 12.58 -10.10 18.50
CA ILE B 474 13.29 -10.41 19.73
C ILE B 474 13.33 -11.93 19.91
N ASP B 475 14.52 -12.45 20.21
CA ASP B 475 14.70 -13.88 20.45
C ASP B 475 14.38 -14.15 21.92
N ILE B 476 13.39 -14.99 22.17
CA ILE B 476 13.01 -15.37 23.52
C ILE B 476 13.15 -16.87 23.74
N SER B 477 13.90 -17.55 22.87
CA SER B 477 14.08 -18.99 23.05
C SER B 477 14.84 -19.32 24.32
N GLY B 478 15.63 -18.39 24.86
CA GLY B 478 16.38 -18.59 26.07
C GLY B 478 15.87 -17.76 27.24
N ASP B 479 16.63 -17.80 28.33
CA ASP B 479 16.28 -17.03 29.54
C ASP B 479 16.43 -15.53 29.36
N GLU B 480 17.25 -15.10 28.41
CA GLU B 480 17.52 -13.69 28.17
C GLU B 480 16.92 -13.28 26.82
N MET B 481 16.08 -12.24 26.84
CA MET B 481 15.55 -11.66 25.62
C MET B 481 16.67 -10.96 24.85
N LYS B 482 16.76 -11.21 23.54
CA LYS B 482 17.78 -10.60 22.70
C LYS B 482 17.13 -9.91 21.51
N LEU B 483 17.33 -8.60 21.42
CA LEU B 483 16.92 -7.83 20.25
C LEU B 483 17.76 -8.23 19.05
N VAL B 484 17.13 -8.68 17.97
CA VAL B 484 17.87 -9.12 16.80
C VAL B 484 17.58 -8.29 15.54
N HIS B 485 16.44 -7.61 15.41
CA HIS B 485 16.16 -6.94 14.13
C HIS B 485 15.17 -5.81 14.34
N ASP B 486 15.45 -4.66 13.72
CA ASP B 486 14.53 -3.53 13.64
C ASP B 486 13.80 -3.57 12.29
N GLY B 487 12.48 -3.71 12.31
CA GLY B 487 11.69 -3.75 11.11
C GLY B 487 10.83 -2.50 10.92
N PRO B 488 11.23 -1.61 10.00
CA PRO B 488 10.41 -0.43 9.73
C PRO B 488 9.17 -0.81 8.93
N THR B 489 8.02 -0.23 9.30
CA THR B 489 6.77 -0.53 8.59
C THR B 489 5.95 0.74 8.40
N PHE B 490 5.08 0.72 7.40
CA PHE B 490 4.29 1.88 7.05
C PHE B 490 2.95 1.88 7.80
N ALA B 491 2.49 3.07 8.25
CA ALA B 491 1.08 3.29 8.60
C ALA B 491 0.64 2.53 9.85
N GLU B 492 1.56 2.26 10.74
CA GLU B 492 1.16 1.72 12.02
C GLU B 492 0.44 0.39 11.96
N PRO B 493 1.14 -0.68 11.66
CA PRO B 493 0.67 -1.97 12.18
C PRO B 493 0.44 -1.83 13.68
N HIS B 494 -0.72 -2.25 14.12
CA HIS B 494 -0.85 -2.31 15.58
C HIS B 494 -0.36 -3.66 16.06
N ASP B 495 -1.05 -4.71 15.66
CA ASP B 495 -0.77 -6.06 16.11
C ASP B 495 -0.41 -6.91 14.89
N CYS B 496 0.18 -8.08 15.15
CA CYS B 496 0.48 -9.05 14.10
C CYS B 496 0.22 -10.44 14.68
N ILE B 497 0.26 -11.46 13.82
CA ILE B 497 0.12 -12.83 14.30
C ILE B 497 1.02 -13.71 13.44
N MET B 498 1.71 -14.64 14.08
CA MET B 498 2.61 -15.58 13.43
C MET B 498 2.02 -16.99 13.39
N ALA B 499 2.31 -17.71 12.32
CA ALA B 499 1.96 -19.11 12.22
C ALA B 499 3.16 -19.86 11.67
N ARG B 500 3.33 -21.10 12.12
CA ARG B 500 4.34 -21.98 11.57
C ARG B 500 4.13 -22.16 10.07
N ARG B 501 5.23 -22.37 9.34
CA ARG B 501 5.10 -22.62 7.91
C ARG B 501 4.10 -23.73 7.63
N ASP B 502 4.09 -24.78 8.45
CA ASP B 502 3.24 -25.93 8.16
C ASP B 502 1.80 -25.74 8.63
N GLN B 503 1.44 -24.59 9.18
CA GLN B 503 0.06 -24.33 9.55
C GLN B 503 -0.71 -23.60 8.46
N ILE B 504 -0.05 -23.22 7.37
CA ILE B 504 -0.64 -22.44 6.28
C ILE B 504 -0.46 -23.26 5.03
N LYS B 505 -1.57 -23.54 4.31
CA LYS B 505 -1.50 -24.23 3.04
C LYS B 505 -2.22 -23.39 1.99
N THR B 506 -1.47 -22.92 1.00
CA THR B 506 -1.99 -22.01 -0.01
C THR B 506 -2.23 -22.75 -1.33
N LYS B 507 -3.27 -22.34 -2.05
CA LYS B 507 -3.51 -22.83 -3.39
C LYS B 507 -2.57 -22.15 -4.36
N LYS B 508 -2.17 -22.87 -5.39
CA LYS B 508 -1.32 -22.23 -6.37
C LYS B 508 -2.09 -21.81 -7.63
N ILE B 509 -3.23 -22.44 -7.88
CA ILE B 509 -4.10 -22.15 -9.02
C ILE B 509 -5.54 -22.22 -8.51
N TRP B 510 -6.40 -21.35 -9.05
CA TRP B 510 -7.78 -21.27 -8.62
C TRP B 510 -8.58 -22.50 -9.05
N ASP B 511 -9.56 -22.89 -8.24
CA ASP B 511 -10.64 -23.77 -8.68
C ASP B 511 -11.67 -22.99 -9.48
N ARG B 512 -12.19 -23.59 -10.54
CA ARG B 512 -13.13 -22.87 -11.38
C ARG B 512 -14.46 -22.60 -10.68
N ASN B 513 -14.79 -23.34 -9.62
CA ASN B 513 -16.04 -23.15 -8.88
C ASN B 513 -15.85 -22.30 -7.63
N ASP B 514 -14.70 -21.66 -7.49
CA ASP B 514 -14.43 -20.89 -6.26
C ASP B 514 -15.53 -19.87 -6.00
N PRO B 515 -16.05 -19.80 -4.77
CA PRO B 515 -17.13 -18.83 -4.47
C PRO B 515 -16.73 -17.39 -4.71
N PHE B 516 -15.43 -17.09 -4.81
CA PHE B 516 -14.98 -15.70 -4.96
C PHE B 516 -15.54 -15.06 -6.23
N PHE B 517 -15.68 -15.84 -7.31
CA PHE B 517 -16.23 -15.28 -8.55
C PHE B 517 -17.43 -16.08 -9.05
N ALA B 518 -18.01 -16.92 -8.19
CA ALA B 518 -19.19 -17.68 -8.62
C ALA B 518 -20.32 -16.77 -9.07
N PRO B 519 -20.56 -15.59 -8.46
CA PRO B 519 -21.57 -14.68 -9.02
C PRO B 519 -21.30 -14.28 -10.44
N THR B 520 -20.02 -14.10 -10.80
CA THR B 520 -19.68 -13.75 -12.17
C THR B 520 -19.98 -14.93 -13.11
N VAL B 521 -19.73 -16.15 -12.64
CA VAL B 521 -20.03 -17.33 -13.46
C VAL B 521 -21.52 -17.39 -13.74
N GLU B 522 -22.34 -17.05 -12.75
CA GLU B 522 -23.80 -17.08 -12.92
C GLU B 522 -24.28 -16.00 -13.89
N MET B 523 -23.73 -14.78 -13.80
CA MET B 523 -23.99 -13.76 -14.81
C MET B 523 -23.66 -14.27 -16.20
N ALA B 524 -22.49 -14.89 -16.35
CA ALA B 524 -22.08 -15.38 -17.66
C ALA B 524 -23.09 -16.40 -18.18
N LYS B 525 -23.61 -17.25 -17.28
CA LYS B 525 -24.54 -18.29 -17.73
C LYS B 525 -25.83 -17.68 -18.30
N LYS B 526 -26.32 -16.58 -17.71
CA LYS B 526 -27.49 -15.92 -18.28
C LYS B 526 -27.25 -15.47 -19.71
N ASP B 527 -26.00 -15.18 -20.06
CA ASP B 527 -25.63 -14.81 -21.41
C ASP B 527 -25.30 -16.00 -22.30
N GLY B 528 -25.52 -17.23 -21.83
CA GLY B 528 -25.12 -18.40 -22.59
C GLY B 528 -23.63 -18.58 -22.75
N ILE B 529 -22.83 -18.03 -21.82
CA ILE B 529 -21.37 -17.99 -21.94
C ILE B 529 -20.76 -19.17 -21.22
N ASN B 530 -19.85 -19.88 -21.89
CA ASN B 530 -18.94 -20.81 -21.22
C ASN B 530 -17.61 -20.09 -21.06
N LEU B 531 -17.27 -19.75 -19.82
CA LEU B 531 -16.13 -18.87 -19.56
C LEU B 531 -14.79 -19.51 -19.86
N ASP B 532 -14.71 -20.84 -19.86
CA ASP B 532 -13.43 -21.48 -20.15
C ASP B 532 -13.08 -21.43 -21.62
N THR B 533 -14.05 -21.12 -22.51
CA THR B 533 -13.77 -21.16 -23.94
C THR B 533 -14.13 -19.88 -24.69
N ASP B 534 -15.11 -19.13 -24.21
CA ASP B 534 -15.78 -18.15 -25.07
C ASP B 534 -15.02 -16.84 -25.17
N ASN B 535 -14.98 -16.29 -26.38
CA ASN B 535 -14.47 -14.94 -26.68
C ASN B 535 -15.57 -14.26 -27.48
N LYS B 536 -16.42 -13.51 -26.78
CA LYS B 536 -17.66 -13.01 -27.35
C LYS B 536 -17.96 -11.63 -26.78
N VAL B 537 -18.61 -10.80 -27.58
CA VAL B 537 -19.11 -9.50 -27.14
C VAL B 537 -20.63 -9.59 -27.17
N ILE B 538 -21.24 -9.46 -26.00
CA ILE B 538 -22.69 -9.51 -25.81
C ILE B 538 -23.18 -8.09 -25.73
N ARG B 539 -24.17 -7.74 -26.53
CA ARG B 539 -24.76 -6.41 -26.48
C ARG B 539 -26.16 -6.49 -25.92
N ASP B 540 -26.51 -5.45 -25.17
CA ASP B 540 -27.77 -5.42 -24.45
C ASP B 540 -28.16 -3.97 -24.18
N GLY B 541 -28.80 -3.33 -25.16
CA GLY B 541 -29.11 -1.90 -25.02
C GLY B 541 -27.85 -1.06 -24.97
N ASN B 542 -27.70 -0.26 -23.93
CA ASN B 542 -26.48 0.51 -23.74
C ASN B 542 -25.48 -0.19 -22.84
N LYS B 543 -25.67 -1.48 -22.57
CA LYS B 543 -24.70 -2.29 -21.85
C LYS B 543 -23.98 -3.21 -22.83
N VAL B 544 -22.68 -3.37 -22.62
CA VAL B 544 -21.85 -4.26 -23.42
C VAL B 544 -21.07 -5.15 -22.45
N ARG B 545 -21.17 -6.45 -22.67
CA ARG B 545 -20.52 -7.44 -21.79
C ARG B 545 -19.53 -8.22 -22.63
N VAL B 546 -18.25 -7.93 -22.44
CA VAL B 546 -17.17 -8.58 -23.17
C VAL B 546 -16.70 -9.75 -22.33
N TYR B 547 -16.66 -10.94 -22.93
CA TYR B 547 -16.12 -12.13 -22.26
C TYR B 547 -14.94 -12.64 -23.07
N MET B 548 -13.82 -12.85 -22.41
CA MET B 548 -12.69 -13.39 -23.15
C MET B 548 -11.85 -14.30 -22.26
N THR B 549 -11.19 -15.25 -22.90
CA THR B 549 -10.11 -15.97 -22.26
C THR B 549 -8.83 -15.19 -22.44
N SER B 550 -7.87 -15.45 -21.57
CA SER B 550 -6.56 -14.84 -21.73
C SER B 550 -5.53 -15.95 -21.63
N MET B 551 -4.61 -15.95 -22.56
CA MET B 551 -3.55 -16.95 -22.60
C MET B 551 -2.36 -16.18 -23.11
N ALA B 552 -1.46 -15.83 -22.19
CA ALA B 552 -0.36 -14.94 -22.53
C ALA B 552 0.41 -15.50 -23.73
N PRO B 553 0.83 -14.66 -24.67
CA PRO B 553 0.69 -13.20 -24.62
C PRO B 553 -0.47 -12.61 -25.45
N ALA B 554 -1.65 -13.24 -25.47
CA ALA B 554 -2.78 -12.74 -26.27
C ALA B 554 -4.04 -12.68 -25.43
N PHE B 555 -4.72 -11.52 -25.46
CA PHE B 555 -6.10 -11.46 -25.02
C PHE B 555 -6.95 -12.20 -26.04
N GLY B 556 -7.95 -12.93 -25.57
CA GLY B 556 -8.81 -13.66 -26.48
C GLY B 556 -9.70 -12.77 -27.32
N VAL B 557 -9.99 -11.57 -26.84
CA VAL B 557 -10.65 -10.55 -27.63
C VAL B 557 -9.69 -9.38 -27.70
N GLN B 558 -9.19 -9.09 -28.90
CA GLN B 558 -8.19 -8.07 -29.10
C GLN B 558 -8.75 -6.74 -29.59
N GLU B 559 -10.00 -6.70 -30.02
CA GLU B 559 -10.64 -5.42 -30.26
C GLU B 559 -12.15 -5.58 -30.17
N PHE B 560 -12.81 -4.50 -29.76
CA PHE B 560 -14.26 -4.48 -29.78
C PHE B 560 -14.71 -3.03 -29.89
N THR B 561 -15.93 -2.86 -30.38
CA THR B 561 -16.50 -1.54 -30.66
C THR B 561 -17.76 -1.31 -29.86
N VAL B 562 -17.91 -0.11 -29.31
CA VAL B 562 -19.07 0.27 -28.52
C VAL B 562 -19.51 1.68 -28.94
N LYS B 563 -20.66 2.12 -28.42
CA LYS B 563 -21.16 3.48 -28.57
C LYS B 563 -20.72 4.29 -27.37
N GLN B 564 -20.39 5.57 -27.61
CA GLN B 564 -20.10 6.49 -26.51
C GLN B 564 -21.22 6.48 -25.49
N GLY B 565 -20.84 6.40 -24.22
CA GLY B 565 -21.77 6.28 -23.12
C GLY B 565 -22.15 4.87 -22.74
N ASP B 566 -21.78 3.86 -23.54
CA ASP B 566 -22.10 2.47 -23.19
C ASP B 566 -21.42 2.08 -21.86
N GLU B 567 -22.12 1.27 -21.07
CA GLU B 567 -21.55 0.72 -19.84
C GLU B 567 -20.93 -0.63 -20.19
N VAL B 568 -19.63 -0.70 -20.09
CA VAL B 568 -18.86 -1.84 -20.56
C VAL B 568 -18.41 -2.66 -19.37
N THR B 569 -18.73 -3.95 -19.38
CA THR B 569 -18.17 -4.92 -18.45
C THR B 569 -17.20 -5.83 -19.21
N VAL B 570 -15.98 -5.92 -18.72
CA VAL B 570 -15.00 -6.84 -19.31
C VAL B 570 -14.75 -7.96 -18.31
N THR B 571 -14.97 -9.19 -18.74
CA THR B 571 -14.82 -10.39 -17.94
C THR B 571 -13.73 -11.23 -18.58
N ILE B 572 -12.68 -11.53 -17.83
CA ILE B 572 -11.52 -12.22 -18.37
C ILE B 572 -11.29 -13.48 -17.55
N THR B 573 -11.05 -14.59 -18.23
CA THR B 573 -10.78 -15.88 -17.59
C THR B 573 -9.41 -16.32 -18.04
N ASN B 574 -8.48 -16.40 -17.10
CA ASN B 574 -7.10 -16.77 -17.40
C ASN B 574 -7.06 -18.29 -17.48
N ILE B 575 -7.05 -18.82 -18.70
CA ILE B 575 -7.20 -20.27 -18.87
C ILE B 575 -5.84 -20.95 -18.86
N ASP B 576 -4.80 -20.21 -18.54
CA ASP B 576 -3.47 -20.79 -18.35
C ASP B 576 -3.49 -21.75 -17.17
N GLN B 577 -2.67 -22.81 -17.27
CA GLN B 577 -2.60 -23.86 -16.27
C GLN B 577 -1.30 -23.85 -15.48
N ILE B 578 -0.47 -22.82 -15.66
CA ILE B 578 0.88 -22.77 -15.11
C ILE B 578 0.90 -21.82 -13.91
N GLU B 579 1.64 -22.21 -12.88
CA GLU B 579 1.89 -21.37 -11.72
C GLU B 579 2.64 -20.07 -12.10
N ASP B 580 2.37 -19.00 -11.32
CA ASP B 580 2.99 -17.70 -11.32
C ASP B 580 2.89 -17.01 -12.66
N VAL B 581 1.91 -17.40 -13.46
CA VAL B 581 1.65 -16.63 -14.67
C VAL B 581 0.34 -15.85 -14.52
N SER B 582 0.39 -14.75 -13.78
CA SER B 582 -0.77 -13.88 -13.69
C SER B 582 -0.85 -12.95 -14.90
N ASP B 583 -2.07 -12.72 -15.37
CA ASP B 583 -2.35 -11.70 -16.36
C ASP B 583 -2.92 -10.46 -15.67
N GLY B 584 -2.89 -9.35 -16.39
CA GLY B 584 -3.47 -8.11 -15.94
C GLY B 584 -4.30 -7.50 -17.05
N PHE B 585 -5.03 -6.44 -16.71
CA PHE B 585 -5.90 -5.75 -17.65
C PHE B 585 -6.02 -4.31 -17.18
N VAL B 586 -5.60 -3.38 -18.03
CA VAL B 586 -5.69 -1.93 -17.80
C VAL B 586 -6.31 -1.31 -19.05
N VAL B 587 -7.32 -0.47 -18.88
CA VAL B 587 -7.81 0.34 -19.98
C VAL B 587 -7.23 1.74 -19.80
N VAL B 588 -6.47 2.20 -20.80
CA VAL B 588 -5.74 3.45 -20.67
C VAL B 588 -6.71 4.61 -20.48
N ASN B 589 -6.43 5.47 -19.49
CA ASN B 589 -7.16 6.72 -19.25
C ASN B 589 -8.64 6.50 -18.88
N HIS B 590 -9.01 5.32 -18.37
CA HIS B 590 -10.36 5.06 -17.88
C HIS B 590 -10.39 4.64 -16.40
N GLY B 591 -9.25 4.64 -15.72
CA GLY B 591 -9.23 4.27 -14.32
C GLY B 591 -9.55 2.80 -14.06
N VAL B 592 -9.15 1.91 -14.97
CA VAL B 592 -9.53 0.50 -14.95
C VAL B 592 -8.26 -0.34 -14.82
N SER B 593 -8.22 -1.22 -13.79
CA SER B 593 -7.06 -2.09 -13.60
C SER B 593 -7.47 -3.31 -12.78
N MET B 594 -7.00 -4.49 -13.16
CA MET B 594 -7.25 -5.68 -12.33
C MET B 594 -6.29 -6.83 -12.65
N GLU B 595 -6.20 -7.76 -11.71
CA GLU B 595 -5.42 -8.99 -11.80
C GLU B 595 -6.30 -10.15 -12.25
N ILE B 596 -5.75 -11.06 -13.06
CA ILE B 596 -6.41 -12.35 -13.34
C ILE B 596 -5.35 -13.44 -13.26
N SER B 597 -5.35 -14.18 -12.15
CA SER B 597 -4.41 -15.26 -11.93
C SER B 597 -4.88 -16.55 -12.61
N PRO B 598 -4.05 -17.60 -12.66
CA PRO B 598 -4.43 -18.82 -13.39
C PRO B 598 -5.76 -19.42 -12.92
N GLN B 599 -6.65 -19.68 -13.88
CA GLN B 599 -8.00 -20.25 -13.69
C GLN B 599 -8.94 -19.32 -12.93
N GLN B 600 -8.56 -18.08 -12.70
CA GLN B 600 -9.45 -17.10 -12.11
C GLN B 600 -10.29 -16.45 -13.18
N THR B 601 -11.55 -16.11 -12.86
CA THR B 601 -12.34 -15.17 -13.64
C THR B 601 -12.44 -13.85 -12.86
N SER B 602 -12.13 -12.74 -13.51
CA SER B 602 -12.23 -11.41 -12.92
C SER B 602 -13.00 -10.50 -13.86
N SER B 603 -13.76 -9.55 -13.30
CA SER B 603 -14.53 -8.67 -14.18
C SER B 603 -14.52 -7.24 -13.62
N ILE B 604 -14.74 -6.28 -14.51
CA ILE B 604 -14.69 -4.86 -14.14
C ILE B 604 -15.62 -4.09 -15.07
N THR B 605 -16.27 -3.07 -14.54
CA THR B 605 -17.30 -2.34 -15.26
C THR B 605 -16.95 -0.86 -15.29
N PHE B 606 -17.09 -0.24 -16.45
CA PHE B 606 -16.72 1.17 -16.58
C PHE B 606 -17.53 1.76 -17.73
N VAL B 607 -17.62 3.09 -17.78
CA VAL B 607 -18.37 3.77 -18.84
C VAL B 607 -17.41 4.22 -19.93
N ALA B 608 -17.74 3.92 -21.19
CA ALA B 608 -16.93 4.36 -22.32
C ALA B 608 -17.36 5.78 -22.65
N ASP B 609 -16.86 6.74 -21.87
CA ASP B 609 -17.31 8.13 -21.94
C ASP B 609 -16.54 8.96 -22.95
N LYS B 610 -15.54 8.39 -23.60
CA LYS B 610 -14.65 9.13 -24.48
C LYS B 610 -14.69 8.51 -25.87
N PRO B 611 -15.01 9.26 -26.92
CA PRO B 611 -15.01 8.66 -28.26
C PRO B 611 -13.60 8.37 -28.69
N GLY B 612 -13.47 7.55 -29.71
CA GLY B 612 -12.18 7.28 -30.30
C GLY B 612 -11.67 5.90 -29.96
N LEU B 613 -10.40 5.70 -30.28
CA LEU B 613 -9.70 4.45 -30.05
C LEU B 613 -9.01 4.49 -28.68
N HIS B 614 -9.19 3.44 -27.89
CA HIS B 614 -8.64 3.40 -26.53
C HIS B 614 -7.96 2.07 -26.27
N TRP B 615 -6.66 2.12 -26.03
CA TRP B 615 -5.85 0.93 -25.84
C TRP B 615 -6.09 0.28 -24.48
N TYR B 616 -6.04 -1.06 -24.45
CA TYR B 616 -5.95 -1.80 -23.22
C TYR B 616 -4.75 -2.74 -23.28
N TYR B 617 -4.19 -3.02 -22.10
CA TYR B 617 -2.96 -3.80 -22.09
C TYR B 617 -2.87 -4.65 -20.84
N CYS B 618 -1.98 -5.65 -20.90
CA CYS B 618 -1.77 -6.55 -19.78
C CYS B 618 -0.68 -5.94 -18.91
N SER B 619 -1.03 -5.70 -17.64
CA SER B 619 -0.13 -5.06 -16.69
C SER B 619 0.82 -6.06 -16.03
N TRP B 620 0.31 -7.21 -15.61
CA TRP B 620 1.10 -8.16 -14.82
C TRP B 620 2.04 -8.92 -15.75
N PHE B 621 3.34 -8.58 -15.69
CA PHE B 621 4.37 -9.14 -16.57
C PHE B 621 4.23 -10.65 -16.64
N CYS B 622 4.27 -11.16 -17.86
CA CYS B 622 3.86 -12.54 -18.12
C CYS B 622 4.71 -13.30 -19.13
N HIS B 623 5.57 -12.62 -19.89
CA HIS B 623 6.13 -13.15 -21.13
C HIS B 623 7.31 -12.25 -21.51
N ALA B 624 8.10 -12.72 -22.49
CA ALA B 624 9.07 -11.83 -23.13
C ALA B 624 8.38 -10.89 -24.10
N LEU B 625 7.30 -11.34 -24.73
CA LEU B 625 6.38 -10.50 -25.50
C LEU B 625 5.24 -9.99 -24.64
N HIS B 626 5.56 -9.48 -23.44
CA HIS B 626 4.58 -8.90 -22.52
C HIS B 626 4.17 -7.50 -22.97
N MET B 627 5.09 -6.72 -23.56
CA MET B 627 4.80 -5.39 -24.09
C MET B 627 3.73 -5.40 -25.19
N GLU B 628 3.42 -6.58 -25.76
CA GLU B 628 2.58 -6.72 -26.94
C GLU B 628 1.28 -7.48 -26.70
N MET B 629 0.96 -7.79 -25.44
CA MET B 629 -0.36 -8.33 -25.08
C MET B 629 -1.28 -7.15 -24.87
N VAL B 630 -1.89 -6.68 -25.96
CA VAL B 630 -2.67 -5.44 -25.97
C VAL B 630 -3.92 -5.66 -26.80
N GLY B 631 -4.81 -4.66 -26.73
CA GLY B 631 -6.07 -4.69 -27.45
C GLY B 631 -6.58 -3.26 -27.55
N ARG B 632 -7.66 -3.11 -28.32
CA ARG B 632 -8.20 -1.79 -28.64
C ARG B 632 -9.70 -1.79 -28.47
N MET B 633 -10.20 -0.83 -27.70
CA MET B 633 -11.62 -0.54 -27.61
C MET B 633 -11.90 0.66 -28.50
N MET B 634 -12.79 0.50 -29.45
CA MET B 634 -13.19 1.59 -30.32
C MET B 634 -14.56 2.12 -29.93
N VAL B 635 -14.64 3.43 -29.69
CA VAL B 635 -15.84 4.05 -29.15
C VAL B 635 -16.41 5.00 -30.21
N GLU B 636 -17.55 4.65 -30.77
CA GLU B 636 -18.18 5.48 -31.80
C GLU B 636 -18.79 6.72 -31.15
N PRO B 637 -18.65 7.89 -31.77
CA PRO B 637 -19.06 9.13 -31.08
C PRO B 637 -20.57 9.22 -30.94
N ALA B 638 -20.98 9.85 -29.84
CA ALA B 638 -22.41 10.02 -29.56
C ALA B 638 -23.14 10.70 -30.70
N TRP B 639 -22.49 11.63 -31.39
CA TRP B 639 -23.22 12.36 -32.43
C TRP B 639 -23.57 11.49 -33.63
N SER B 640 -23.02 10.28 -33.74
CA SER B 640 -23.37 9.35 -34.79
C SER B 640 -24.40 8.29 -34.36
N HIS B 641 -24.97 8.43 -33.17
CA HIS B 641 -25.95 7.50 -32.62
C HIS B 641 -27.16 8.25 -32.10
N PRO B 642 -28.28 7.55 -31.85
CA PRO B 642 -29.51 8.25 -31.43
C PRO B 642 -29.30 9.20 -30.25
N GLN B 643 -30.06 10.30 -30.27
CA GLN B 643 -30.02 11.42 -29.31
C GLN B 643 -28.63 12.04 -29.23
N TRP C . -36.15 15.86 9.15
CA TRP C . -37.38 16.62 8.92
C TRP C . -37.58 16.88 7.43
O TRP C . -37.05 17.83 6.87
CB TRP C . -37.33 17.95 9.69
CG TRP C . -37.00 17.81 11.16
CD1 TRP C . -37.12 16.68 11.92
CD2 TRP C . -36.50 18.83 12.03
NE1 TRP C . -36.73 16.93 13.21
CE2 TRP C . -36.34 18.24 13.31
CE3 TRP C . -36.17 20.18 11.87
CZ2 TRP C . -35.86 18.96 14.41
CZ3 TRP C . -35.70 20.89 12.96
CH2 TRP C . -35.54 20.28 14.20
C1 B3P D . -14.61 11.91 1.79
C2 B3P D . -13.81 12.43 0.56
C3 B3P D . -15.30 10.53 1.56
N1 B3P D . -16.30 10.56 0.46
C4 B3P D . -16.66 9.25 -0.17
C5 B3P D . -16.89 8.11 0.84
C6 B3P D . -17.95 9.49 -0.95
C7 B3P D . -15.60 8.78 -1.19
N2 B3P D . -14.75 12.67 -0.57
C8 B3P D . -14.06 13.08 -1.83
C9 B3P D . -13.36 14.43 -1.65
C10 B3P D . -15.14 13.18 -2.93
C11 B3P D . -12.97 12.10 -2.25
O1 B3P D . -14.26 15.40 -1.16
O2 B3P D . -14.58 13.67 -4.12
O3 B3P D . -13.46 10.78 -2.37
O4 B3P D . -17.88 8.50 1.76
O5 B3P D . -17.73 10.55 -1.87
O6 B3P D . -14.26 8.88 -0.70
NA NA E . -0.72 19.71 -12.39
C FMT F . 17.51 21.11 -11.33
O1 FMT F . 17.44 21.94 -10.44
O2 FMT F . 17.60 19.87 -11.21
C FMT G . 46.90 -2.41 -26.85
O1 FMT G . 46.92 -3.40 -27.57
O2 FMT G . 47.90 -1.76 -26.53
CL CL H . 16.10 1.56 -20.08
CU1 CUA I . -3.46 12.04 18.24
CU2 CUA I . -3.33 9.39 18.38
C FMT J . 36.39 -4.37 -12.87
O1 FMT J . 35.92 -4.87 -11.85
O2 FMT J . 36.93 -3.25 -12.97
C FMT K . 29.38 17.71 -17.90
O1 FMT K . 29.09 16.72 -18.60
O2 FMT K . 29.01 17.90 -16.73
ZN ZN L . 12.19 -3.17 -19.55
ZN ZN M . 10.86 -0.58 -17.76
C FMT N . 33.77 11.46 -33.36
O1 FMT N . 33.23 12.23 -34.17
O2 FMT N . 34.26 10.37 -33.68
C FMT O . 30.01 -2.61 -0.93
O1 FMT O . 29.36 -2.94 -1.92
O2 FMT O . 30.53 -3.41 -0.13
C TRS P . 31.54 13.97 -21.85
C1 TRS P . 31.54 13.58 -20.38
C2 TRS P . 31.02 12.88 -22.80
C3 TRS P . 32.96 14.41 -22.18
N TRS P . 30.63 15.11 -22.06
O1 TRS P . 30.35 12.90 -20.02
O2 TRS P . 31.84 11.72 -22.86
O3 TRS P . 33.17 14.41 -23.57
C FMT Q . 5.65 12.12 28.67
O1 FMT Q . 5.98 11.47 27.68
O2 FMT Q . 5.02 11.65 29.63
C1 B3P R . -13.81 1.70 -13.26
C2 B3P R . -13.27 3.17 -13.07
C3 B3P R . -14.49 1.09 -12.01
N1 B3P R . -15.68 1.90 -11.69
C4 B3P R . -16.37 1.50 -10.44
C5 B3P R . -15.47 1.49 -9.20
C6 B3P R . -17.43 2.60 -10.25
C7 B3P R . -16.95 0.09 -10.57
N2 B3P R . -14.34 4.16 -12.72
C8 B3P R . -13.91 5.48 -12.12
C9 B3P R . -13.65 5.34 -10.60
C10 B3P R . -15.06 6.45 -12.28
C11 B3P R . -12.67 6.10 -12.79
O1 B3P R . -13.00 4.13 -10.27
O2 B3P R . -16.21 5.88 -11.67
O3 B3P R . -12.99 6.27 -14.17
O4 B3P R . -14.83 2.73 -9.01
O5 B3P R . -18.29 2.35 -9.17
O6 B3P R . -17.85 -0.03 -11.66
NA NA S . -21.14 -9.42 3.61
CA CA T . -11.87 5.49 32.87
K K U . 4.33 6.30 14.10
C FMT V . -19.52 -20.41 -17.62
O1 FMT V . -18.46 -21.01 -17.43
O2 FMT V . -20.26 -19.99 -16.74
C FMT W . -16.67 4.32 -14.59
O1 FMT W . -15.99 4.39 -15.58
O2 FMT W . -17.89 4.11 -14.58
CL CL X . -5.10 -7.02 23.57
CU1 CUZ Y . -3.31 -1.50 21.77
CU2 CUZ Y . -6.17 -0.77 18.31
CU3 CUZ Y . -4.75 -2.90 19.40
CU4 CUZ Y . -3.39 -0.66 18.55
S1 CUZ Y . -5.05 -0.87 20.19
CU1 CUA Z . -0.17 -11.29 -19.74
CU2 CUA Z . 1.76 -9.35 -19.65
C FMT AA . -12.56 -8.91 -33.37
O1 FMT AA . -13.52 -8.28 -33.84
O2 FMT AA . -11.46 -9.02 -33.90
C FMT BA . -20.59 9.92 -22.82
O1 FMT BA . -19.65 10.73 -22.84
O2 FMT BA . -20.92 9.20 -21.87
C FMT CA . -36.56 -3.62 15.63
O1 FMT CA . -37.24 -2.71 15.15
O2 FMT CA . -35.92 -4.43 14.97
C FMT DA . 2.26 -19.45 29.44
O1 FMT DA . 1.04 -19.24 29.30
O2 FMT DA . 3.22 -18.73 29.09
#